data_7WNH
#
_entry.id   7WNH
#
_cell.length_a   124.002
_cell.length_b   124.002
_cell.length_c   119.518
_cell.angle_alpha   90.000
_cell.angle_beta   90.000
_cell.angle_gamma   120.000
#
_symmetry.space_group_name_H-M   'P 32'
#
loop_
_entity.id
_entity.type
_entity.pdbx_description
1 polymer 'Nuclear receptor subfamily 4 group A member 2'
2 polymer "DNA (5'-D(*CP*GP*CP*AP*TP*GP*AP*CP*CP*TP*TP*TP*TP*CP*GP*G)-3')"
3 polymer "DNA (5'-D(*CP*CP*GP*AP*AP*AP*AP*GP*GP*TP*CP*AP*TP*GP*CP*G)-3')"
4 non-polymer 'ZINC ION'
5 water water
#
loop_
_entity_poly.entity_id
_entity_poly.type
_entity_poly.pdbx_seq_one_letter_code
_entity_poly.pdbx_strand_id
1 'polypeptide(L)'
;MGHHHHHHMSNEGLCAVCGDNAACQHYGVRTCEGCKGFFKRTVQKNAKYVCLANKNCPVDKRRRNRCQYCRFQKCLAVGM
VKEVVRTDSLKGRRGRLPSKPKSPQEPSPPSPPVSLISALVRAHVDSNPAMTSLDYSRFQANPDYQMSGDDTQHIQQFYD
LLTGSMEIIRGWAEKIPGFADLPKADQDLLFESAFLELFVLRLAYRSNPVEGKLIFCNGVVLHRLQCVRGFGEWIDSIVE
FSSNLQNMNIDISAFSCIAALAMVTERHGLKEPKRVEELQNKIVNCLKDHVTFNNGGLNRPNYLSKLLGKLPELRTLCTQ
GLQRIFYLKLEDLVPPPAIIDKLFLDTLPF
;
A,B,C,D
2 'polydeoxyribonucleotide' (DC)(DG)(DC)(DA)(DT)(DG)(DA)(DC)(DC)(DT)(DT)(DT)(DT)(DC)(DG)(DG) E,I,L,O
3 'polydeoxyribonucleotide' (DC)(DC)(DG)(DA)(DA)(DA)(DA)(DG)(DG)(DT)(DC)(DA)(DT)(DG)(DC)(DG) F,H,K,N
#
loop_
_chem_comp.id
_chem_comp.type
_chem_comp.name
_chem_comp.formula
DA DNA linking 2'-DEOXYADENOSINE-5'-MONOPHOSPHATE 'C10 H14 N5 O6 P'
DC DNA linking 2'-DEOXYCYTIDINE-5'-MONOPHOSPHATE 'C9 H14 N3 O7 P'
DG DNA linking 2'-DEOXYGUANOSINE-5'-MONOPHOSPHATE 'C10 H14 N5 O7 P'
DT DNA linking THYMIDINE-5'-MONOPHOSPHATE 'C10 H15 N2 O8 P'
ZN non-polymer 'ZINC ION' 'Zn 2'
#
# COMPACT_ATOMS: atom_id res chain seq x y z
N GLY A 13 17.58 72.87 19.20
CA GLY A 13 18.59 71.81 18.83
C GLY A 13 18.73 70.79 19.95
N LEU A 14 17.67 70.05 20.23
CA LEU A 14 17.37 69.48 21.57
C LEU A 14 17.18 67.96 21.50
N CYS A 15 17.30 67.32 20.32
CA CYS A 15 16.91 65.90 20.08
C CYS A 15 17.89 64.93 20.76
N ALA A 16 17.40 64.12 21.69
CA ALA A 16 18.19 63.18 22.52
C ALA A 16 18.88 62.13 21.64
N VAL A 17 18.29 61.75 20.50
CA VAL A 17 18.84 60.69 19.59
C VAL A 17 19.86 61.34 18.63
N CYS A 18 19.40 62.13 17.65
CA CYS A 18 20.17 62.58 16.46
C CYS A 18 20.71 64.01 16.61
N GLY A 19 20.29 64.76 17.65
CA GLY A 19 20.76 66.14 17.89
C GLY A 19 20.09 67.19 17.00
N ASP A 20 19.20 66.79 16.08
CA ASP A 20 18.38 67.68 15.22
C ASP A 20 17.50 68.57 16.13
N ASN A 21 16.81 69.55 15.55
CA ASN A 21 15.81 70.42 16.24
C ASN A 21 14.70 69.56 16.85
N ALA A 22 14.39 69.77 18.14
CA ALA A 22 13.29 69.13 18.88
C ALA A 22 12.43 70.19 19.57
N ALA A 23 11.10 70.11 19.40
CA ALA A 23 10.10 71.10 19.87
C ALA A 23 8.90 70.37 20.50
N CYS A 24 9.17 69.34 21.31
CA CYS A 24 8.13 68.44 21.87
C CYS A 24 8.76 67.17 22.42
N GLN A 25 7.94 66.39 23.13
CA GLN A 25 8.30 65.06 23.69
C GLN A 25 7.48 64.02 22.92
N HIS A 26 8.13 62.98 22.39
CA HIS A 26 7.45 61.85 21.70
C HIS A 26 7.89 60.53 22.32
N TYR A 27 6.92 59.72 22.77
CA TYR A 27 7.16 58.40 23.38
C TYR A 27 8.15 58.53 24.58
N GLY A 28 8.16 59.70 25.25
CA GLY A 28 8.84 59.87 26.56
C GLY A 28 10.04 60.81 26.52
N VAL A 29 10.68 60.97 25.36
CA VAL A 29 11.96 61.73 25.23
C VAL A 29 11.74 62.94 24.32
N ARG A 30 12.58 63.97 24.49
CA ARG A 30 12.77 65.10 23.56
C ARG A 30 13.38 64.57 22.25
N THR A 31 12.65 64.60 21.13
CA THR A 31 13.05 63.96 19.85
C THR A 31 12.54 64.77 18.65
N CYS A 32 13.29 64.73 17.55
CA CYS A 32 12.98 65.36 16.22
C CYS A 32 11.85 64.60 15.56
N GLU A 33 11.21 65.17 14.53
CA GLU A 33 10.05 64.52 13.85
C GLU A 33 10.53 63.23 13.19
N GLY A 34 11.81 63.19 12.84
CA GLY A 34 12.45 62.03 12.15
C GLY A 34 12.50 60.79 13.04
N CYS A 35 13.21 60.91 14.16
CA CYS A 35 13.43 59.82 15.14
C CYS A 35 12.08 59.41 15.73
N LYS A 36 11.13 60.34 15.82
CA LYS A 36 9.71 60.04 16.16
C LYS A 36 9.18 59.04 15.14
N GLY A 37 9.16 59.43 13.86
CA GLY A 37 8.67 58.59 12.77
C GLY A 37 9.34 57.24 12.72
N PHE A 38 10.65 57.19 12.92
CA PHE A 38 11.46 55.95 12.81
C PHE A 38 11.02 54.98 13.90
N PHE A 39 10.95 55.46 15.14
CA PHE A 39 10.53 54.69 16.33
C PHE A 39 9.11 54.12 16.13
N LYS A 40 8.16 54.99 15.81
CA LYS A 40 6.74 54.60 15.58
C LYS A 40 6.74 53.39 14.64
N ARG A 41 7.32 53.56 13.44
CA ARG A 41 7.26 52.57 12.33
C ARG A 41 7.94 51.26 12.76
N THR A 42 9.13 51.34 13.36
CA THR A 42 9.88 50.15 13.88
C THR A 42 8.91 49.28 14.67
N VAL A 43 8.32 49.82 15.75
CA VAL A 43 7.51 49.10 16.76
C VAL A 43 6.23 48.56 16.13
N GLN A 44 5.61 49.30 15.22
CA GLN A 44 4.33 48.90 14.57
C GLN A 44 4.53 47.62 13.76
N LYS A 45 5.75 47.36 13.28
CA LYS A 45 6.10 46.24 12.35
C LYS A 45 6.89 45.13 13.07
N ASN A 46 7.29 45.32 14.32
CA ASN A 46 8.16 44.40 15.10
C ASN A 46 9.54 44.30 14.46
N ALA A 47 9.86 45.19 13.51
CA ALA A 47 11.02 45.14 12.58
C ALA A 47 12.31 44.95 13.37
N LYS A 48 13.22 44.11 12.85
CA LYS A 48 14.54 43.79 13.44
C LYS A 48 15.63 44.09 12.40
N TYR A 49 16.71 44.72 12.87
CA TYR A 49 17.77 45.36 12.04
C TYR A 49 19.11 44.65 12.28
N VAL A 50 20.05 44.81 11.34
CA VAL A 50 21.29 43.98 11.17
C VAL A 50 22.51 44.90 11.10
N CYS A 51 23.28 45.01 12.19
CA CYS A 51 24.52 45.83 12.29
C CYS A 51 25.65 45.15 11.52
N LEU A 52 26.39 45.91 10.70
CA LEU A 52 27.54 45.39 9.89
C LEU A 52 28.87 45.87 10.50
N ALA A 53 28.99 45.87 11.83
CA ALA A 53 30.11 46.49 12.58
C ALA A 53 30.12 46.00 14.04
N ASN A 54 30.44 46.87 15.01
CA ASN A 54 30.62 46.49 16.44
C ASN A 54 29.33 46.71 17.24
N LYS A 55 28.27 47.20 16.58
CA LYS A 55 27.02 47.69 17.23
C LYS A 55 27.36 48.97 18.01
N ASN A 56 27.99 49.93 17.32
CA ASN A 56 28.42 51.23 17.92
C ASN A 56 28.54 52.32 16.84
N CYS A 57 27.81 52.21 15.72
CA CYS A 57 27.85 53.18 14.59
C CYS A 57 27.58 54.59 15.12
N PRO A 58 28.22 55.65 14.58
CA PRO A 58 27.83 57.03 14.89
C PRO A 58 26.41 57.35 14.41
N VAL A 59 25.60 57.96 15.28
CA VAL A 59 24.20 58.40 15.00
C VAL A 59 24.06 59.87 15.37
N ASP A 60 24.07 60.73 14.35
CA ASP A 60 23.85 62.20 14.46
C ASP A 60 23.07 62.63 13.21
N LYS A 61 22.90 63.94 12.98
CA LYS A 61 21.83 64.52 12.11
C LYS A 61 21.93 63.98 10.67
N ARG A 62 23.13 63.73 10.16
CA ARG A 62 23.36 63.30 8.75
C ARG A 62 23.50 61.79 8.67
N ARG A 63 24.24 61.19 9.61
CA ARG A 63 24.61 59.74 9.58
C ARG A 63 23.46 58.85 10.06
N ARG A 64 22.41 59.41 10.66
CA ARG A 64 21.35 58.62 11.37
C ARG A 64 20.77 57.56 10.44
N ASN A 65 20.56 57.84 9.15
CA ASN A 65 19.77 56.94 8.27
C ASN A 65 20.61 55.74 7.76
N ARG A 66 21.85 55.58 8.21
CA ARG A 66 22.77 54.53 7.69
C ARG A 66 22.52 53.19 8.41
N CYS A 67 23.08 52.98 9.59
CA CYS A 67 22.90 51.76 10.43
C CYS A 67 21.55 51.87 11.16
N GLN A 68 20.48 51.32 10.56
CA GLN A 68 19.12 51.31 11.16
C GLN A 68 19.17 50.67 12.55
N TYR A 69 19.86 49.54 12.69
CA TYR A 69 20.01 48.80 13.98
C TYR A 69 20.48 49.78 15.07
N CYS A 70 21.50 50.58 14.76
CA CYS A 70 22.21 51.43 15.75
C CYS A 70 21.37 52.66 16.10
N ARG A 71 20.55 53.16 15.18
CA ARG A 71 19.59 54.29 15.43
C ARG A 71 18.55 53.85 16.48
N PHE A 72 17.92 52.69 16.27
CA PHE A 72 16.83 52.13 17.11
C PHE A 72 17.38 51.62 18.46
N GLN A 73 18.69 51.43 18.58
CA GLN A 73 19.36 51.03 19.84
C GLN A 73 19.58 52.29 20.69
N LYS A 74 19.86 53.44 20.04
CA LYS A 74 20.13 54.74 20.71
C LYS A 74 18.80 55.37 21.13
N CYS A 75 17.77 55.30 20.28
CA CYS A 75 16.36 55.64 20.62
C CYS A 75 16.04 55.01 21.98
N LEU A 76 16.07 53.67 22.04
CA LEU A 76 15.73 52.85 23.24
C LEU A 76 16.56 53.27 24.47
N ALA A 77 17.82 53.65 24.28
CA ALA A 77 18.79 53.99 25.36
C ALA A 77 18.41 55.26 26.09
N VAL A 78 18.16 56.37 25.37
CA VAL A 78 17.90 57.71 25.99
C VAL A 78 16.51 57.73 26.64
N GLY A 79 15.72 56.66 26.43
CA GLY A 79 14.54 56.34 27.27
C GLY A 79 13.23 56.20 26.51
N MET A 80 13.22 56.19 25.17
CA MET A 80 11.98 56.05 24.37
C MET A 80 11.30 54.71 24.75
N VAL A 81 9.97 54.65 24.65
CA VAL A 81 9.10 53.69 25.38
C VAL A 81 8.23 52.89 24.39
N LYS A 82 8.64 51.68 24.02
CA LYS A 82 7.88 50.83 23.06
C LYS A 82 6.39 50.87 23.42
N GLU A 83 6.06 50.87 24.70
CA GLU A 83 4.68 50.67 25.23
C GLU A 83 3.74 51.81 24.78
N VAL A 84 4.26 53.03 24.63
CA VAL A 84 3.45 54.25 24.30
C VAL A 84 2.86 54.08 22.89
N VAL A 85 3.61 53.52 21.93
CA VAL A 85 3.10 53.16 20.57
C VAL A 85 1.87 52.26 20.73
N ARG A 86 0.75 52.64 20.11
CA ARG A 86 -0.57 52.06 20.43
C ARG A 86 -0.84 50.86 19.51
N THR A 87 -1.53 49.85 20.06
CA THR A 87 -1.97 48.60 19.38
C THR A 87 -3.27 48.10 20.03
N ASP A 88 -3.82 46.99 19.54
CA ASP A 88 -5.00 46.31 20.13
C ASP A 88 -6.21 47.23 19.92
N SER A 89 -6.93 47.50 21.02
CA SER A 89 -8.12 48.39 21.09
C SER A 89 -7.76 49.83 20.71
N LEU A 90 -6.55 50.29 21.01
CA LEU A 90 -6.12 51.70 20.81
C LEU A 90 -5.39 51.87 19.48
N LYS A 91 -5.43 50.89 18.56
CA LYS A 91 -4.77 51.01 17.24
C LYS A 91 -5.46 52.14 16.47
N GLY A 92 -4.70 52.95 15.75
CA GLY A 92 -5.20 54.03 14.85
C GLY A 92 -6.06 55.06 15.55
N ARG A 93 -5.87 55.28 16.85
CA ARG A 93 -6.64 56.24 17.69
C ARG A 93 -5.68 57.37 18.08
N ARG A 94 -5.92 58.59 17.59
CA ARG A 94 -5.02 59.76 17.73
C ARG A 94 -5.33 60.58 19.01
N GLY A 95 -4.50 61.60 19.27
CA GLY A 95 -4.64 62.57 20.37
C GLY A 95 -4.46 61.96 21.74
N ARG A 96 -4.32 62.81 22.77
CA ARG A 96 -4.17 62.38 24.19
C ARG A 96 -5.41 61.58 24.61
N LEU A 97 -5.23 60.62 25.52
CA LEU A 97 -6.29 59.65 25.95
C LEU A 97 -7.04 60.20 27.16
N PRO A 98 -8.25 59.68 27.45
CA PRO A 98 -8.89 59.90 28.75
C PRO A 98 -8.26 59.03 29.84
N SER A 99 -8.07 59.54 31.07
CA SER A 99 -7.52 58.76 32.22
C SER A 99 -8.69 58.31 33.10
N SER A 115 38.70 42.97 22.00
CA SER A 115 37.47 42.20 22.35
C SER A 115 36.98 42.64 23.73
N LEU A 116 35.66 42.58 23.97
CA LEU A 116 35.06 42.95 25.27
C LEU A 116 35.73 42.11 26.37
N ILE A 117 35.67 40.79 26.26
CA ILE A 117 36.22 39.85 27.29
C ILE A 117 37.66 40.26 27.61
N SER A 118 38.48 40.56 26.60
CA SER A 118 39.91 40.93 26.81
C SER A 118 40.00 42.19 27.68
N ALA A 119 39.21 43.23 27.38
CA ALA A 119 39.18 44.49 28.17
C ALA A 119 38.81 44.20 29.62
N LEU A 120 37.79 43.36 29.83
CA LEU A 120 37.30 43.05 31.18
C LEU A 120 38.44 42.40 31.98
N VAL A 121 39.27 41.61 31.31
CA VAL A 121 40.42 40.89 31.93
C VAL A 121 41.54 41.90 32.20
N ARG A 122 41.84 42.75 31.22
CA ARG A 122 42.91 43.79 31.30
C ARG A 122 42.61 44.67 32.52
N ALA A 123 41.35 45.07 32.68
CA ALA A 123 40.86 45.98 33.75
C ALA A 123 41.05 45.33 35.11
N HIS A 124 40.81 44.01 35.19
CA HIS A 124 41.00 43.22 36.43
C HIS A 124 42.49 43.15 36.76
N VAL A 125 43.33 42.94 35.76
CA VAL A 125 44.78 42.64 35.97
C VAL A 125 45.52 43.91 36.39
N ASP A 126 45.20 45.04 35.74
CA ASP A 126 45.89 46.34 35.98
C ASP A 126 45.52 46.94 37.35
N SER A 127 44.49 46.40 38.02
CA SER A 127 43.91 46.97 39.27
C SER A 127 44.23 46.12 40.51
N ASN A 128 44.78 44.92 40.34
CA ASN A 128 45.22 44.04 41.45
C ASN A 128 46.75 43.98 41.45
N PRO A 129 47.42 43.55 42.53
CA PRO A 129 48.88 43.59 42.63
C PRO A 129 49.56 42.33 42.08
N ALA A 130 50.82 42.46 41.66
CA ALA A 130 51.70 41.34 41.23
C ALA A 130 51.87 40.36 42.40
N MET A 131 51.30 39.16 42.28
CA MET A 131 51.24 38.11 43.35
C MET A 131 52.65 37.57 43.62
N THR A 132 53.57 37.77 42.67
CA THR A 132 54.99 37.36 42.73
C THR A 132 55.79 38.35 43.59
N SER A 133 55.20 39.48 44.00
CA SER A 133 55.86 40.50 44.87
C SER A 133 54.82 41.21 45.75
N LEU A 134 54.39 40.51 46.81
CA LEU A 134 53.46 41.03 47.85
C LEU A 134 54.29 41.70 48.94
N ASP A 135 53.62 42.14 50.02
CA ASP A 135 54.26 42.76 51.21
C ASP A 135 53.85 41.97 52.46
N TYR A 136 54.84 41.34 53.12
CA TYR A 136 54.66 40.51 54.34
C TYR A 136 55.23 41.23 55.56
N SER A 137 55.44 42.55 55.48
CA SER A 137 56.14 43.32 56.55
C SER A 137 55.34 43.25 57.86
N ARG A 138 54.01 43.09 57.79
CA ARG A 138 53.11 43.12 58.98
C ARG A 138 52.54 41.73 59.29
N PHE A 139 52.66 40.75 58.39
CA PHE A 139 52.05 39.40 58.55
C PHE A 139 52.36 38.86 59.96
N GLN A 140 51.51 37.98 60.48
CA GLN A 140 51.62 37.41 61.85
C GLN A 140 50.55 36.31 61.99
N ALA A 141 50.96 35.04 62.08
CA ALA A 141 50.04 33.88 62.16
C ALA A 141 49.49 33.69 63.58
N ASN A 142 50.00 34.42 64.58
CA ASN A 142 49.51 34.38 65.99
C ASN A 142 49.76 35.74 66.65
N PRO A 143 48.88 36.76 66.46
CA PRO A 143 49.20 38.13 66.85
C PRO A 143 49.42 38.36 68.37
N ASP A 144 48.57 37.75 69.22
CA ASP A 144 48.64 37.79 70.70
C ASP A 144 48.32 39.22 71.18
N ASP A 151 44.89 49.69 69.81
CA ASP A 151 43.61 49.00 69.49
C ASP A 151 42.80 49.88 68.52
N THR A 152 42.54 51.13 68.91
CA THR A 152 42.05 52.21 68.00
C THR A 152 42.96 52.29 66.75
N GLN A 153 44.24 51.92 66.84
CA GLN A 153 45.20 51.88 65.71
C GLN A 153 44.77 50.79 64.70
N HIS A 154 44.47 49.57 65.16
CA HIS A 154 44.02 48.41 64.34
C HIS A 154 42.72 48.73 63.60
N ILE A 155 41.78 49.45 64.24
CA ILE A 155 40.48 49.88 63.65
C ILE A 155 40.76 50.97 62.59
N GLN A 156 41.78 51.81 62.80
CA GLN A 156 42.19 52.83 61.78
C GLN A 156 42.69 52.14 60.51
N GLN A 157 43.62 51.19 60.66
CA GLN A 157 44.25 50.43 59.56
C GLN A 157 43.16 49.69 58.75
N PHE A 158 42.09 49.25 59.41
CA PHE A 158 40.86 48.71 58.78
C PHE A 158 40.28 49.77 57.82
N TYR A 159 39.99 50.99 58.30
CA TYR A 159 39.38 52.06 57.47
C TYR A 159 40.32 52.39 56.30
N ASP A 160 41.64 52.32 56.53
CA ASP A 160 42.68 52.68 55.53
C ASP A 160 42.63 51.70 54.34
N LEU A 161 42.57 50.39 54.61
CA LEU A 161 42.41 49.32 53.58
C LEU A 161 41.13 49.58 52.76
N LEU A 162 40.06 50.05 53.40
CA LEU A 162 38.77 50.32 52.71
C LEU A 162 38.92 51.55 51.81
N THR A 163 39.45 52.65 52.35
CA THR A 163 39.56 53.95 51.62
C THR A 163 40.55 53.78 50.47
N GLY A 164 41.59 52.95 50.67
CA GLY A 164 42.57 52.62 49.63
C GLY A 164 41.93 51.96 48.42
N SER A 165 41.00 51.03 48.65
CA SER A 165 40.32 50.23 47.60
C SER A 165 39.32 51.05 46.77
N MET A 166 38.89 52.22 47.26
CA MET A 166 37.86 53.03 46.59
C MET A 166 38.43 53.69 45.33
N GLU A 167 39.59 54.33 45.45
CA GLU A 167 40.30 54.96 44.30
C GLU A 167 40.43 53.92 43.19
N ILE A 168 40.96 52.74 43.57
CA ILE A 168 41.39 51.64 42.65
C ILE A 168 40.17 50.99 42.01
N ILE A 169 39.11 50.72 42.78
CA ILE A 169 37.88 50.05 42.28
C ILE A 169 37.15 51.03 41.37
N ARG A 170 37.29 52.35 41.59
CA ARG A 170 36.71 53.33 40.63
C ARG A 170 37.54 53.27 39.33
N GLY A 171 38.87 53.33 39.43
CA GLY A 171 39.77 53.05 38.30
C GLY A 171 39.30 51.85 37.48
N TRP A 172 39.13 50.69 38.13
CA TRP A 172 38.67 49.44 37.47
C TRP A 172 37.41 49.74 36.64
N ALA A 173 36.42 50.36 37.27
CA ALA A 173 35.05 50.54 36.74
C ALA A 173 35.11 51.36 35.45
N GLU A 174 35.87 52.47 35.48
CA GLU A 174 36.02 53.44 34.36
C GLU A 174 36.65 52.76 33.13
N LYS A 175 37.31 51.60 33.32
CA LYS A 175 37.97 50.84 32.22
C LYS A 175 37.04 49.73 31.71
N ILE A 176 35.85 49.57 32.28
CA ILE A 176 34.81 48.68 31.69
C ILE A 176 34.24 49.38 30.47
N PRO A 177 34.31 48.78 29.27
CA PRO A 177 33.76 49.42 28.05
C PRO A 177 32.29 49.85 28.13
N GLY A 178 32.03 51.15 28.07
CA GLY A 178 30.67 51.74 28.06
C GLY A 178 30.44 52.60 29.30
N PHE A 179 31.18 52.35 30.37
CA PHE A 179 30.85 52.85 31.72
C PHE A 179 31.09 54.35 31.79
N ALA A 180 32.19 54.84 31.19
CA ALA A 180 32.59 56.27 31.26
C ALA A 180 31.81 57.07 30.23
N ASP A 181 31.09 56.39 29.33
CA ASP A 181 30.12 57.00 28.38
C ASP A 181 28.80 57.29 29.11
N LEU A 182 28.51 56.63 30.24
CA LEU A 182 27.26 56.83 31.00
C LEU A 182 27.26 58.23 31.61
N PRO A 183 26.04 58.75 31.98
CA PRO A 183 25.93 59.99 32.73
C PRO A 183 26.71 59.98 34.06
N LYS A 184 27.52 61.01 34.32
CA LYS A 184 28.37 61.07 35.54
C LYS A 184 27.51 60.72 36.77
N ALA A 185 26.25 61.13 36.79
CA ALA A 185 25.29 60.76 37.88
C ALA A 185 25.23 59.24 38.01
N ASP A 186 24.94 58.54 36.91
CA ASP A 186 24.69 57.07 36.89
C ASP A 186 25.99 56.33 37.26
N GLN A 187 27.15 56.84 36.84
CA GLN A 187 28.48 56.28 37.24
C GLN A 187 28.56 56.29 38.76
N ASP A 188 28.34 57.46 39.39
CA ASP A 188 28.48 57.63 40.86
C ASP A 188 27.49 56.70 41.56
N LEU A 189 26.24 56.60 41.08
CA LEU A 189 25.18 55.72 41.67
C LEU A 189 25.65 54.26 41.59
N LEU A 190 26.11 53.80 40.42
CA LEU A 190 26.48 52.39 40.15
C LEU A 190 27.68 51.99 41.04
N PHE A 191 28.63 52.92 41.22
CA PHE A 191 29.83 52.74 42.07
C PHE A 191 29.45 52.59 43.56
N GLU A 192 28.72 53.56 44.12
CA GLU A 192 28.35 53.56 45.57
C GLU A 192 27.51 52.31 45.90
N SER A 193 26.61 51.89 45.01
CA SER A 193 25.70 50.72 45.20
C SER A 193 26.50 49.41 45.23
N ALA A 194 27.65 49.33 44.54
CA ALA A 194 28.39 48.06 44.34
C ALA A 194 29.77 48.05 45.04
N PHE A 195 30.22 49.16 45.62
CA PHE A 195 31.58 49.27 46.19
C PHE A 195 31.87 48.13 47.18
N LEU A 196 30.97 47.90 48.13
CA LEU A 196 31.21 46.88 49.17
C LEU A 196 31.13 45.48 48.56
N GLU A 197 30.18 45.23 47.65
CA GLU A 197 30.02 43.90 47.00
C GLU A 197 31.30 43.55 46.23
N LEU A 198 32.03 44.56 45.72
CA LEU A 198 33.24 44.33 44.90
C LEU A 198 34.50 44.17 45.77
N PHE A 199 34.69 45.01 46.78
CA PHE A 199 35.85 44.95 47.70
C PHE A 199 35.95 43.53 48.28
N VAL A 200 34.81 42.93 48.62
CA VAL A 200 34.71 41.56 49.19
C VAL A 200 35.01 40.56 48.08
N LEU A 201 34.22 40.56 47.00
CA LEU A 201 34.32 39.58 45.87
C LEU A 201 35.79 39.46 45.41
N ARG A 202 36.46 40.58 45.14
CA ARG A 202 37.90 40.64 44.76
C ARG A 202 38.76 40.09 45.90
N LEU A 203 38.66 40.66 47.10
CA LEU A 203 39.43 40.16 48.27
C LEU A 203 39.34 38.63 48.35
N ALA A 204 38.15 38.08 48.06
CA ALA A 204 37.84 36.64 48.19
C ALA A 204 38.51 35.82 47.09
N TYR A 205 38.76 36.42 45.92
CA TYR A 205 39.26 35.71 44.71
C TYR A 205 40.79 35.70 44.69
N ARG A 206 41.44 36.65 45.37
CA ARG A 206 42.92 36.81 45.37
C ARG A 206 43.53 36.28 46.68
N SER A 207 42.75 36.14 47.75
CA SER A 207 43.28 35.68 49.07
C SER A 207 43.58 34.18 49.02
N ASN A 208 44.38 33.69 49.97
CA ASN A 208 44.68 32.23 50.15
C ASN A 208 44.01 31.75 51.44
N PRO A 209 42.80 31.15 51.33
CA PRO A 209 42.03 30.79 52.52
C PRO A 209 42.58 29.55 53.22
N VAL A 210 43.14 28.62 52.44
CA VAL A 210 43.80 27.36 52.89
C VAL A 210 44.79 27.66 54.01
N GLU A 211 45.46 28.82 53.98
CA GLU A 211 46.49 29.24 54.98
C GLU A 211 46.02 30.47 55.76
N GLY A 212 44.72 30.79 55.72
CA GLY A 212 44.08 31.90 56.46
C GLY A 212 44.60 33.28 56.05
N LYS A 213 45.08 33.39 54.80
CA LYS A 213 45.85 34.56 54.32
C LYS A 213 44.93 35.46 53.49
N LEU A 214 44.73 36.68 53.97
CA LEU A 214 44.01 37.76 53.24
C LEU A 214 45.04 38.67 52.57
N ILE A 215 44.94 38.84 51.25
CA ILE A 215 45.81 39.73 50.43
C ILE A 215 44.97 40.88 49.89
N PHE A 216 45.33 42.13 50.20
CA PHE A 216 44.57 43.35 49.80
C PHE A 216 45.07 43.88 48.46
N CYS A 217 44.43 44.93 47.94
CA CYS A 217 44.70 45.56 46.60
C CYS A 217 46.15 46.08 46.55
N ASN A 218 46.64 46.59 47.68
CA ASN A 218 48.00 47.20 47.79
C ASN A 218 49.03 46.12 48.12
N GLY A 219 48.67 44.84 48.02
CA GLY A 219 49.59 43.71 48.16
C GLY A 219 49.95 43.38 49.60
N VAL A 220 49.52 44.15 50.61
CA VAL A 220 49.70 43.77 52.05
C VAL A 220 49.07 42.38 52.31
N VAL A 221 49.66 41.62 53.24
CA VAL A 221 49.22 40.25 53.65
C VAL A 221 49.00 40.24 55.16
N LEU A 222 47.80 39.82 55.60
CA LEU A 222 47.46 39.62 57.02
C LEU A 222 46.78 38.25 57.21
N HIS A 223 46.89 37.69 58.41
CA HIS A 223 46.20 36.45 58.84
C HIS A 223 44.85 36.86 59.43
N ARG A 224 43.80 36.08 59.15
CA ARG A 224 42.41 36.28 59.65
C ARG A 224 42.43 36.86 61.07
N LEU A 225 43.34 36.38 61.92
CA LEU A 225 43.34 36.69 63.39
C LEU A 225 43.87 38.09 63.61
N GLN A 226 44.65 38.65 62.68
CA GLN A 226 45.07 40.07 62.72
C GLN A 226 43.88 40.96 62.37
N CYS A 227 43.13 40.53 61.34
CA CYS A 227 41.98 41.25 60.73
C CYS A 227 40.80 41.32 61.70
N VAL A 228 40.57 40.29 62.51
CA VAL A 228 39.44 40.20 63.49
C VAL A 228 39.36 41.48 64.34
N ARG A 229 40.49 42.12 64.66
CA ARG A 229 40.53 43.34 65.51
C ARG A 229 39.72 44.46 64.83
N GLY A 230 39.69 44.51 63.49
CA GLY A 230 39.05 45.59 62.71
C GLY A 230 37.72 45.17 62.09
N PHE A 231 37.71 44.06 61.35
CA PHE A 231 36.54 43.50 60.62
C PHE A 231 35.49 42.92 61.57
N GLY A 232 35.91 42.50 62.77
CA GLY A 232 35.06 41.67 63.65
C GLY A 232 35.00 40.24 63.13
N GLU A 233 34.03 39.46 63.58
CA GLU A 233 33.82 38.06 63.18
C GLU A 233 33.36 38.00 61.70
N TRP A 234 32.97 39.14 61.13
CA TRP A 234 32.70 39.26 59.67
C TRP A 234 33.79 38.53 58.88
N ILE A 235 35.04 38.66 59.29
CA ILE A 235 36.21 38.11 58.53
C ILE A 235 36.07 36.60 58.37
N ASP A 236 35.60 35.89 59.39
CA ASP A 236 35.42 34.42 59.38
C ASP A 236 34.41 34.08 58.27
N SER A 237 33.36 34.87 58.17
CA SER A 237 32.33 34.75 57.10
C SER A 237 32.97 35.00 55.74
N ILE A 238 33.92 35.94 55.65
CA ILE A 238 34.63 36.29 54.37
C ILE A 238 35.53 35.12 53.94
N VAL A 239 36.32 34.54 54.86
CA VAL A 239 37.27 33.44 54.51
C VAL A 239 36.48 32.22 54.03
N GLU A 240 35.32 31.96 54.64
CA GLU A 240 34.45 30.81 54.25
C GLU A 240 33.98 31.00 52.80
N PHE A 241 33.52 32.20 52.46
CA PHE A 241 33.08 32.56 51.07
C PHE A 241 34.24 32.25 50.12
N SER A 242 35.42 32.76 50.48
CA SER A 242 36.67 32.67 49.67
C SER A 242 36.98 31.20 49.38
N SER A 243 36.94 30.36 50.42
CA SER A 243 37.01 28.88 50.30
C SER A 243 36.08 28.39 49.19
N ASN A 244 34.77 28.60 49.35
CA ASN A 244 33.70 28.15 48.41
C ASN A 244 34.07 28.58 46.99
N LEU A 245 34.37 29.89 46.83
CA LEU A 245 34.52 30.56 45.51
C LEU A 245 35.69 29.94 44.76
N GLN A 246 36.82 29.75 45.46
CA GLN A 246 38.08 29.22 44.89
C GLN A 246 37.92 27.72 44.59
N ASN A 247 37.08 27.02 45.35
CA ASN A 247 36.83 25.55 45.17
C ASN A 247 36.01 25.29 43.90
N MET A 248 35.56 26.33 43.18
CA MET A 248 34.89 26.18 41.85
C MET A 248 35.90 26.37 40.71
N ASN A 249 37.14 26.75 41.01
CA ASN A 249 38.22 26.97 40.00
C ASN A 249 37.64 27.80 38.84
N ILE A 250 37.44 29.10 39.11
CA ILE A 250 36.91 30.09 38.14
C ILE A 250 38.09 30.75 37.41
N ASP A 251 38.19 30.50 36.10
CA ASP A 251 39.21 31.10 35.21
C ASP A 251 39.00 32.62 35.17
N ILE A 252 40.07 33.38 34.98
CA ILE A 252 40.07 34.87 35.09
C ILE A 252 39.07 35.51 34.11
N SER A 253 38.86 34.95 32.91
CA SER A 253 37.90 35.50 31.90
C SER A 253 36.49 35.53 32.48
N ALA A 254 36.10 34.50 33.22
CA ALA A 254 34.74 34.36 33.80
C ALA A 254 34.63 35.26 35.04
N PHE A 255 35.62 35.25 35.94
CA PHE A 255 35.60 36.14 37.12
C PHE A 255 35.48 37.59 36.63
N SER A 256 36.28 37.95 35.61
CA SER A 256 36.35 39.31 35.03
C SER A 256 34.94 39.79 34.60
N CYS A 257 34.07 38.88 34.14
CA CYS A 257 32.67 39.16 33.73
C CYS A 257 31.75 39.30 34.95
N ILE A 258 31.87 38.36 35.90
CA ILE A 258 31.08 38.35 37.16
C ILE A 258 31.28 39.70 37.87
N ALA A 259 32.51 40.17 37.97
CA ALA A 259 32.83 41.43 38.69
C ALA A 259 32.12 42.59 37.96
N ALA A 260 32.11 42.57 36.63
CA ALA A 260 31.40 43.57 35.80
C ALA A 260 29.89 43.51 36.07
N LEU A 261 29.30 42.31 36.08
CA LEU A 261 27.84 42.12 36.31
C LEU A 261 27.46 42.58 37.72
N ALA A 262 28.41 42.59 38.66
CA ALA A 262 28.20 43.05 40.05
C ALA A 262 27.96 44.56 40.07
N MET A 263 28.64 45.31 39.19
CA MET A 263 28.69 46.80 39.17
C MET A 263 27.63 47.36 38.22
N VAL A 264 27.71 46.93 36.95
CA VAL A 264 26.78 47.28 35.83
C VAL A 264 25.50 46.48 36.00
N THR A 265 24.57 47.00 36.79
CA THR A 265 23.28 46.34 37.12
C THR A 265 22.22 47.43 37.30
N GLU A 266 20.93 47.06 37.23
CA GLU A 266 19.81 48.01 37.35
C GLU A 266 19.74 48.51 38.80
N ARG A 267 19.54 49.81 38.99
CA ARG A 267 19.39 50.46 40.32
C ARG A 267 18.34 51.58 40.23
N HIS A 268 17.62 51.84 41.32
CA HIS A 268 16.69 52.98 41.49
C HIS A 268 17.50 54.29 41.52
N GLY A 269 17.22 55.21 40.59
CA GLY A 269 17.86 56.54 40.50
C GLY A 269 18.56 56.71 39.17
N LEU A 270 18.68 55.64 38.38
CA LEU A 270 19.42 55.69 37.11
C LEU A 270 18.66 56.65 36.21
N LYS A 271 19.31 57.71 35.72
CA LYS A 271 18.76 58.63 34.69
C LYS A 271 18.51 57.85 33.39
N GLU A 272 19.41 56.93 33.02
CA GLU A 272 19.32 56.17 31.74
C GLU A 272 19.45 54.68 32.05
N PRO A 273 18.38 54.02 32.53
CA PRO A 273 18.41 52.59 32.81
C PRO A 273 18.72 51.72 31.59
N LYS A 274 17.91 51.78 30.52
CA LYS A 274 18.04 50.88 29.34
C LYS A 274 19.49 50.86 28.84
N ARG A 275 20.24 51.95 28.88
CA ARG A 275 21.67 52.00 28.50
C ARG A 275 22.42 50.99 29.38
N VAL A 276 22.26 51.11 30.70
CA VAL A 276 22.88 50.21 31.72
C VAL A 276 22.40 48.78 31.45
N GLU A 277 21.10 48.58 31.17
CA GLU A 277 20.50 47.27 30.85
C GLU A 277 21.15 46.65 29.60
N GLU A 278 21.35 47.42 28.54
CA GLU A 278 21.95 46.96 27.25
C GLU A 278 23.41 46.55 27.49
N LEU A 279 24.11 47.25 28.39
CA LEU A 279 25.55 47.01 28.67
C LEU A 279 25.66 45.72 29.47
N GLN A 280 24.83 45.57 30.52
CA GLN A 280 24.70 44.33 31.31
C GLN A 280 24.50 43.17 30.34
N ASN A 281 23.63 43.37 29.35
CA ASN A 281 23.23 42.32 28.39
C ASN A 281 24.42 41.91 27.51
N LYS A 282 25.22 42.85 27.02
CA LYS A 282 26.49 42.56 26.28
C LYS A 282 27.34 41.61 27.14
N ILE A 283 27.67 42.04 28.36
CA ILE A 283 28.59 41.32 29.31
C ILE A 283 28.12 39.88 29.54
N VAL A 284 26.81 39.65 29.67
CA VAL A 284 26.22 38.30 29.90
C VAL A 284 26.55 37.42 28.69
N ASN A 285 26.19 37.87 27.48
CA ASN A 285 26.39 37.15 26.19
C ASN A 285 27.89 36.91 25.97
N CYS A 286 28.70 37.86 26.44
CA CYS A 286 30.18 37.79 26.50
C CYS A 286 30.61 36.57 27.34
N LEU A 287 30.04 36.43 28.53
CA LEU A 287 30.32 35.33 29.50
C LEU A 287 29.80 34.00 28.95
N LYS A 288 28.65 33.99 28.29
CA LYS A 288 28.01 32.78 27.69
C LYS A 288 28.93 32.21 26.60
N ASP A 289 29.27 33.05 25.61
CA ASP A 289 30.15 32.71 24.46
C ASP A 289 31.42 32.02 24.99
N HIS A 290 32.02 32.53 26.07
CA HIS A 290 33.25 31.96 26.67
C HIS A 290 32.99 30.56 27.25
N VAL A 291 31.92 30.37 28.03
CA VAL A 291 31.66 29.07 28.74
C VAL A 291 31.30 28.00 27.71
N THR A 292 30.49 28.32 26.70
CA THR A 292 30.06 27.34 25.66
C THR A 292 31.20 27.11 24.66
N PHE A 293 32.42 27.58 24.93
CA PHE A 293 33.64 27.34 24.11
C PHE A 293 34.60 26.41 24.90
N ASN A 294 35.49 26.95 25.72
CA ASN A 294 36.66 26.20 26.28
C ASN A 294 36.22 25.27 27.42
N ASN A 295 35.11 25.60 28.12
CA ASN A 295 34.59 24.86 29.30
C ASN A 295 33.50 23.85 28.87
N GLY A 296 33.24 23.70 27.56
CA GLY A 296 32.28 22.72 27.02
C GLY A 296 31.09 23.38 26.33
N GLY A 297 29.86 23.01 26.71
CA GLY A 297 28.59 23.53 26.14
C GLY A 297 27.80 24.31 27.17
N SER A 305 25.89 30.50 37.32
CA SER A 305 25.47 29.07 37.38
C SER A 305 25.44 28.66 38.85
N LYS A 306 26.41 27.84 39.25
CA LYS A 306 26.64 27.40 40.66
C LYS A 306 27.18 28.64 41.41
N LEU A 307 27.85 29.53 40.69
CA LEU A 307 28.50 30.77 41.18
C LEU A 307 27.43 31.77 41.63
N LEU A 308 26.47 32.04 40.75
CA LEU A 308 25.28 32.91 40.95
C LEU A 308 24.30 32.24 41.94
N GLY A 309 24.43 30.93 42.16
CA GLY A 309 23.67 30.17 43.18
C GLY A 309 24.09 30.53 44.58
N LYS A 310 25.23 31.22 44.76
CA LYS A 310 25.72 31.86 46.02
C LYS A 310 26.03 33.36 45.77
N LEU A 311 25.55 33.95 44.68
CA LEU A 311 25.51 35.43 44.53
C LEU A 311 24.55 36.07 45.54
N PRO A 312 23.48 35.39 46.01
CA PRO A 312 22.78 35.80 47.23
C PRO A 312 23.61 35.76 48.52
N GLU A 313 24.51 34.77 48.71
CA GLU A 313 25.41 34.73 49.90
C GLU A 313 26.30 35.98 49.94
N LEU A 314 26.71 36.55 48.79
CA LEU A 314 27.54 37.80 48.71
C LEU A 314 26.77 38.98 49.33
N ARG A 315 25.51 39.13 48.95
CA ARG A 315 24.65 40.23 49.45
C ARG A 315 24.54 40.04 50.97
N THR A 316 24.41 38.80 51.47
CA THR A 316 24.30 38.50 52.92
C THR A 316 25.59 38.83 53.64
N LEU A 317 26.72 38.48 53.03
CA LEU A 317 28.08 38.87 53.48
C LEU A 317 28.14 40.38 53.66
N CYS A 318 27.62 41.14 52.70
CA CYS A 318 27.74 42.63 52.69
C CYS A 318 26.93 43.27 53.85
N THR A 319 25.69 42.82 54.07
CA THR A 319 24.88 43.30 55.21
C THR A 319 25.68 43.07 56.50
N GLN A 320 26.35 41.92 56.62
CA GLN A 320 27.20 41.60 57.79
C GLN A 320 28.26 42.70 57.97
N GLY A 321 28.80 43.18 56.83
CA GLY A 321 29.69 44.36 56.78
C GLY A 321 29.04 45.59 57.40
N LEU A 322 27.81 45.93 56.96
CA LEU A 322 27.04 47.11 57.45
C LEU A 322 26.83 46.99 58.96
N GLN A 323 26.45 45.81 59.45
CA GLN A 323 26.26 45.54 60.91
C GLN A 323 27.52 45.99 61.66
N ARG A 324 28.71 45.68 61.11
CA ARG A 324 30.01 46.03 61.72
C ARG A 324 30.22 47.54 61.76
N ILE A 325 29.90 48.26 60.68
CA ILE A 325 30.11 49.73 60.62
C ILE A 325 29.15 50.42 61.59
N PHE A 326 27.89 49.97 61.66
CA PHE A 326 26.88 50.44 62.65
C PHE A 326 27.43 50.29 64.07
N TYR A 327 27.99 49.12 64.39
CA TYR A 327 28.58 48.82 65.71
C TYR A 327 29.62 49.89 66.05
N LEU A 328 30.56 50.14 65.14
CA LEU A 328 31.71 51.07 65.35
C LEU A 328 31.19 52.52 65.45
N LYS A 329 30.15 52.85 64.66
CA LYS A 329 29.51 54.19 64.66
C LYS A 329 28.93 54.45 66.06
N LEU A 330 28.06 53.54 66.51
CA LEU A 330 27.26 53.61 67.77
C LEU A 330 28.18 53.50 68.98
N GLU A 331 29.29 52.74 68.91
CA GLU A 331 30.29 52.66 70.01
C GLU A 331 30.91 54.06 70.20
N ASP A 332 31.06 54.82 69.12
CA ASP A 332 31.58 56.21 69.11
C ASP A 332 32.94 56.26 69.82
N LEU A 333 33.75 55.20 69.73
CA LEU A 333 35.10 55.11 70.34
C LEU A 333 36.14 55.55 69.32
N VAL A 334 36.13 54.95 68.12
CA VAL A 334 36.75 55.60 66.91
C VAL A 334 35.78 55.49 65.73
N PRO A 335 35.28 56.64 65.25
CA PRO A 335 34.10 56.65 64.38
C PRO A 335 34.52 56.46 62.92
N PRO A 336 33.85 55.59 62.15
CA PRO A 336 34.08 55.52 60.71
C PRO A 336 33.98 56.91 60.06
N PRO A 337 34.92 57.33 59.17
CA PRO A 337 34.75 58.59 58.44
C PRO A 337 33.51 58.54 57.52
N ALA A 338 32.91 59.71 57.27
CA ALA A 338 31.64 59.88 56.52
C ALA A 338 31.62 58.94 55.32
N ILE A 339 32.66 59.01 54.48
CA ILE A 339 32.74 58.32 53.17
C ILE A 339 32.51 56.81 53.35
N ILE A 340 33.07 56.19 54.41
CA ILE A 340 32.85 54.76 54.78
C ILE A 340 31.38 54.60 55.13
N ASP A 341 30.91 55.36 56.14
CA ASP A 341 29.52 55.31 56.65
C ASP A 341 28.57 55.32 55.44
N LYS A 342 28.77 56.29 54.55
CA LYS A 342 27.95 56.51 53.33
C LYS A 342 27.90 55.20 52.52
N LEU A 343 29.05 54.60 52.21
CA LEU A 343 29.17 53.55 51.16
C LEU A 343 28.82 52.18 51.74
N PHE A 344 28.69 52.05 53.05
CA PHE A 344 28.20 50.80 53.69
C PHE A 344 26.68 50.84 53.77
N LEU A 345 26.07 52.01 54.04
CA LEU A 345 24.60 52.22 54.05
C LEU A 345 24.03 52.01 52.64
N ASP A 346 24.88 52.21 51.63
CA ASP A 346 24.49 52.33 50.21
C ASP A 346 24.52 50.96 49.50
N THR A 347 24.64 49.85 50.23
CA THR A 347 24.55 48.46 49.67
C THR A 347 23.16 47.86 49.90
N LEU A 348 22.20 48.72 50.27
CA LEU A 348 20.74 48.49 50.26
C LEU A 348 20.15 49.30 49.11
N PRO A 349 18.94 48.95 48.62
CA PRO A 349 18.20 49.75 47.63
C PRO A 349 18.40 51.28 47.68
N LEU B 14 18.30 -9.10 38.19
CA LEU B 14 19.34 -8.10 37.85
C LEU B 14 19.29 -7.73 36.36
N CYS B 15 18.65 -8.51 35.47
CA CYS B 15 18.65 -8.26 34.00
C CYS B 15 17.80 -7.04 33.64
N ALA B 16 18.43 -6.02 33.03
CA ALA B 16 17.80 -4.72 32.69
C ALA B 16 16.64 -4.90 31.73
N VAL B 17 16.70 -5.92 30.85
CA VAL B 17 15.67 -6.18 29.79
C VAL B 17 14.52 -7.00 30.41
N CYS B 18 14.77 -8.29 30.68
CA CYS B 18 13.74 -9.32 30.97
C CYS B 18 13.58 -9.60 32.47
N GLY B 19 14.48 -9.09 33.32
CA GLY B 19 14.44 -9.29 34.78
C GLY B 19 14.95 -10.66 35.23
N ASP B 20 15.34 -11.54 34.30
CA ASP B 20 15.96 -12.87 34.59
C ASP B 20 17.27 -12.66 35.38
N ASN B 21 17.86 -13.76 35.86
CA ASN B 21 19.19 -13.79 36.53
C ASN B 21 20.25 -13.21 35.59
N ALA B 22 21.03 -12.25 36.08
CA ALA B 22 22.15 -11.60 35.36
C ALA B 22 23.40 -11.62 36.24
N ALA B 23 24.52 -12.07 35.68
CA ALA B 23 25.80 -12.35 36.39
C ALA B 23 26.98 -11.79 35.57
N CYS B 24 26.82 -10.62 34.99
CA CYS B 24 27.80 -9.99 34.06
C CYS B 24 27.16 -8.85 33.28
N GLN B 25 27.98 -8.11 32.54
CA GLN B 25 27.57 -7.03 31.62
C GLN B 25 27.85 -7.52 30.20
N HIS B 26 26.88 -7.43 29.30
CA HIS B 26 27.03 -7.79 27.86
C HIS B 26 26.57 -6.62 27.00
N TYR B 27 27.44 -6.16 26.10
CA TYR B 27 27.15 -5.05 25.17
C TYR B 27 26.74 -3.78 25.95
N GLY B 28 27.20 -3.63 27.20
CA GLY B 28 27.11 -2.36 27.97
C GLY B 28 26.17 -2.43 29.16
N VAL B 29 25.19 -3.35 29.16
CA VAL B 29 24.14 -3.42 30.21
C VAL B 29 24.25 -4.74 30.97
N ARG B 30 23.76 -4.77 32.20
CA ARG B 30 23.51 -5.99 33.00
C ARG B 30 22.38 -6.78 32.34
N THR B 31 22.66 -7.98 31.79
CA THR B 31 21.72 -8.77 30.96
C THR B 31 21.93 -10.27 31.17
N CYS B 32 20.83 -11.05 31.06
CA CYS B 32 20.78 -12.53 31.10
C CYS B 32 21.46 -13.12 29.86
N GLU B 33 21.82 -14.41 29.88
CA GLU B 33 22.50 -15.08 28.75
C GLU B 33 21.57 -15.07 27.53
N GLY B 34 20.26 -15.03 27.78
CA GLY B 34 19.21 -15.05 26.74
C GLY B 34 19.22 -13.79 25.89
N CYS B 35 18.97 -12.64 26.54
CA CYS B 35 18.91 -11.30 25.91
C CYS B 35 20.27 -10.99 25.29
N LYS B 36 21.36 -11.50 25.87
CA LYS B 36 22.71 -11.47 25.24
C LYS B 36 22.65 -12.15 23.88
N GLY B 37 22.30 -13.43 23.85
CA GLY B 37 22.19 -14.22 22.61
C GLY B 37 21.29 -13.56 21.58
N PHE B 38 20.13 -13.04 22.02
CA PHE B 38 19.11 -12.44 21.11
C PHE B 38 19.72 -11.21 20.42
N PHE B 39 20.32 -10.33 21.22
CA PHE B 39 20.95 -9.06 20.77
C PHE B 39 22.06 -9.37 19.75
N LYS B 40 23.01 -10.23 20.13
CA LYS B 40 24.14 -10.62 19.25
C LYS B 40 23.57 -10.98 17.87
N ARG B 41 22.65 -11.95 17.83
CA ARG B 41 22.13 -12.55 16.58
C ARG B 41 21.40 -11.48 15.76
N THR B 42 20.53 -10.68 16.39
CA THR B 42 19.79 -9.57 15.74
C THR B 42 20.78 -8.75 14.91
N VAL B 43 21.78 -8.17 15.57
CA VAL B 43 22.72 -7.15 15.01
C VAL B 43 23.63 -7.80 13.96
N GLN B 44 24.03 -9.05 14.13
CA GLN B 44 24.91 -9.77 13.15
C GLN B 44 24.22 -9.89 11.79
N LYS B 45 22.87 -9.89 11.76
CA LYS B 45 22.03 -10.13 10.56
C LYS B 45 21.34 -8.84 10.08
N ASN B 46 21.40 -7.76 10.86
CA ASN B 46 20.71 -6.46 10.63
C ASN B 46 19.19 -6.66 10.66
N ALA B 47 18.74 -7.80 11.21
CA ALA B 47 17.36 -8.31 11.20
C ALA B 47 16.38 -7.22 11.64
N LYS B 48 15.20 -7.19 10.99
CA LYS B 48 14.11 -6.20 11.24
C LYS B 48 12.83 -6.96 11.58
N TYR B 49 12.14 -6.53 12.64
CA TYR B 49 11.01 -7.23 13.29
C TYR B 49 9.73 -6.38 13.15
N VAL B 50 8.56 -7.04 13.31
CA VAL B 50 7.19 -6.56 12.94
C VAL B 50 6.27 -6.75 14.15
N CYS B 51 5.95 -5.65 14.83
CA CYS B 51 5.02 -5.61 16.00
C CYS B 51 3.58 -5.80 15.53
N LEU B 52 2.80 -6.65 16.22
CA LEU B 52 1.37 -6.93 15.89
C LEU B 52 0.45 -6.25 16.92
N ALA B 53 0.74 -5.00 17.28
CA ALA B 53 0.03 -4.19 18.29
C ALA B 53 0.51 -2.72 18.20
N ASN B 54 0.63 -2.02 19.35
CA ASN B 54 0.92 -0.56 19.39
C ASN B 54 2.42 -0.31 19.59
N LYS B 55 3.25 -1.36 19.57
CA LYS B 55 4.71 -1.30 19.84
C LYS B 55 4.87 -1.04 21.35
N ASN B 56 4.22 -1.88 22.16
CA ASN B 56 4.17 -1.75 23.64
C ASN B 56 3.94 -3.11 24.30
N CYS B 57 4.33 -4.22 23.66
CA CYS B 57 4.13 -5.59 24.19
C CYS B 57 4.81 -5.69 25.56
N PRO B 58 4.26 -6.47 26.52
CA PRO B 58 4.98 -6.79 27.76
C PRO B 58 6.24 -7.61 27.48
N VAL B 59 7.38 -7.21 28.07
CA VAL B 59 8.70 -7.91 27.95
C VAL B 59 9.25 -8.18 29.36
N ASP B 60 9.09 -9.42 29.83
CA ASP B 60 9.58 -9.93 31.14
C ASP B 60 9.96 -11.40 30.95
N LYS B 61 10.25 -12.12 32.03
CA LYS B 61 11.05 -13.37 32.04
C LYS B 61 10.43 -14.44 31.14
N ARG B 62 9.10 -14.54 31.07
CA ARG B 62 8.41 -15.62 30.30
C ARG B 62 7.98 -15.07 28.92
N ARG B 63 7.45 -13.85 28.88
CA ARG B 63 6.80 -13.28 27.68
C ARG B 63 7.82 -12.76 26.67
N ARG B 64 9.10 -12.63 27.05
CA ARG B 64 10.16 -11.99 26.23
C ARG B 64 10.18 -12.57 24.80
N ASN B 65 10.01 -13.89 24.63
CA ASN B 65 10.26 -14.56 23.33
C ASN B 65 9.15 -14.31 22.31
N ARG B 66 8.08 -13.59 22.66
CA ARG B 66 6.85 -13.50 21.84
C ARG B 66 7.01 -12.39 20.79
N CYS B 67 6.84 -11.11 21.16
CA CYS B 67 7.07 -9.95 20.24
C CYS B 67 8.57 -9.68 20.14
N GLN B 68 9.22 -10.26 19.11
CA GLN B 68 10.67 -10.05 18.79
C GLN B 68 10.96 -8.55 18.67
N TYR B 69 10.15 -7.80 17.93
CA TYR B 69 10.31 -6.34 17.71
C TYR B 69 10.45 -5.64 19.06
N CYS B 70 9.58 -5.97 20.01
CA CYS B 70 9.43 -5.24 21.31
C CYS B 70 10.57 -5.60 22.24
N ARG B 71 11.11 -6.83 22.17
CA ARG B 71 12.29 -7.25 22.97
C ARG B 71 13.52 -6.42 22.57
N PHE B 72 13.79 -6.33 21.26
CA PHE B 72 14.96 -5.63 20.65
C PHE B 72 14.83 -4.11 20.78
N GLN B 73 13.63 -3.60 21.06
CA GLN B 73 13.37 -2.15 21.27
C GLN B 73 13.71 -1.82 22.72
N LYS B 74 13.45 -2.75 23.65
CA LYS B 74 13.70 -2.58 25.12
C LYS B 74 15.19 -2.78 25.41
N CYS B 75 15.81 -3.78 24.79
CA CYS B 75 17.29 -3.97 24.74
C CYS B 75 17.93 -2.61 24.48
N LEU B 76 17.67 -2.03 23.30
CA LEU B 76 18.24 -0.74 22.80
C LEU B 76 17.99 0.41 23.79
N ALA B 77 16.84 0.43 24.47
CA ALA B 77 16.40 1.50 25.38
C ALA B 77 17.26 1.56 26.66
N VAL B 78 17.44 0.44 27.38
CA VAL B 78 18.17 0.41 28.68
C VAL B 78 19.69 0.58 28.42
N GLY B 79 20.13 0.60 27.16
CA GLY B 79 21.44 1.14 26.73
C GLY B 79 22.33 0.17 25.98
N MET B 80 21.86 -1.02 25.59
CA MET B 80 22.69 -2.01 24.86
C MET B 80 23.17 -1.37 23.55
N VAL B 81 24.33 -1.80 23.05
CA VAL B 81 25.21 -1.02 22.12
C VAL B 81 25.49 -1.83 20.85
N LYS B 82 24.72 -1.60 19.78
CA LYS B 82 24.89 -2.29 18.48
C LYS B 82 26.38 -2.37 18.15
N GLU B 83 27.14 -1.29 18.41
CA GLU B 83 28.54 -1.10 17.93
C GLU B 83 29.49 -2.15 18.52
N VAL B 84 29.25 -2.60 19.76
CA VAL B 84 30.14 -3.56 20.50
C VAL B 84 30.18 -4.90 19.74
N VAL B 85 29.03 -5.37 19.20
CA VAL B 85 28.95 -6.57 18.32
C VAL B 85 29.93 -6.39 17.16
N ARG B 86 30.81 -7.36 16.93
CA ARG B 86 31.98 -7.18 16.04
C ARG B 86 31.61 -7.63 14.62
N THR B 87 32.19 -6.95 13.62
CA THR B 87 32.11 -7.24 12.16
C THR B 87 33.37 -6.71 11.49
N ASP B 88 33.47 -6.87 10.16
CA ASP B 88 34.57 -6.31 9.33
C ASP B 88 35.86 -7.08 9.71
N SER B 89 36.91 -6.33 10.06
CA SER B 89 38.24 -6.85 10.47
C SER B 89 38.13 -7.66 11.76
N LEU B 90 37.22 -7.31 12.67
CA LEU B 90 37.09 -7.96 14.01
C LEU B 90 36.05 -9.09 13.99
N LYS B 91 35.57 -9.54 12.82
CA LYS B 91 34.60 -10.67 12.73
C LYS B 91 35.25 -11.93 13.31
N GLY B 92 34.49 -12.71 14.09
CA GLY B 92 34.89 -14.02 14.65
C GLY B 92 36.18 -13.98 15.48
N ARG B 93 36.46 -12.86 16.13
CA ARG B 93 37.64 -12.63 17.00
C ARG B 93 37.13 -12.53 18.45
N ARG B 94 37.47 -13.51 19.30
CA ARG B 94 36.91 -13.63 20.69
C ARG B 94 37.77 -12.88 21.72
N GLY B 95 37.31 -12.86 22.97
CA GLY B 95 38.00 -12.26 24.14
C GLY B 95 38.11 -10.75 24.06
N ARG B 96 38.46 -10.09 25.18
CA ARG B 96 38.66 -8.62 25.25
C ARG B 96 39.78 -8.23 24.27
N LEU B 97 39.73 -7.02 23.72
CA LEU B 97 40.67 -6.50 22.68
C LEU B 97 41.85 -5.79 23.34
N PRO B 98 43.01 -5.65 22.66
CA PRO B 98 44.14 -4.91 23.20
C PRO B 98 43.93 -3.39 23.09
N SER B 99 44.36 -2.60 24.08
CA SER B 99 43.99 -1.16 24.23
C SER B 99 45.08 -0.24 23.65
N PRO B 113 -7.84 0.33 22.96
CA PRO B 113 -6.74 0.91 22.16
C PRO B 113 -7.10 2.26 21.51
N VAL B 114 -6.84 3.36 22.23
CA VAL B 114 -6.99 4.78 21.77
C VAL B 114 -5.74 5.19 20.99
N SER B 115 -5.92 5.87 19.85
CA SER B 115 -4.82 6.33 18.95
C SER B 115 -3.90 7.27 19.74
N LEU B 116 -2.61 7.28 19.39
CA LEU B 116 -1.60 8.17 20.04
C LEU B 116 -2.08 9.62 19.91
N ILE B 117 -2.32 10.08 18.69
CA ILE B 117 -2.74 11.47 18.39
C ILE B 117 -3.93 11.85 19.29
N SER B 118 -4.92 10.96 19.45
CA SER B 118 -6.13 11.22 20.28
C SER B 118 -5.72 11.47 21.73
N ALA B 119 -4.84 10.64 22.30
CA ALA B 119 -4.33 10.80 23.69
C ALA B 119 -3.64 12.17 23.83
N LEU B 120 -2.78 12.52 22.86
CA LEU B 120 -2.01 13.78 22.92
C LEU B 120 -3.00 14.94 22.95
N VAL B 121 -4.13 14.81 22.25
CA VAL B 121 -5.18 15.87 22.17
C VAL B 121 -5.95 15.90 23.49
N ARG B 122 -6.33 14.73 23.99
CA ARG B 122 -7.09 14.56 25.24
C ARG B 122 -6.31 15.23 26.38
N ALA B 123 -4.99 14.98 26.41
CA ALA B 123 -4.06 15.49 27.46
C ALA B 123 -3.99 17.01 27.40
N HIS B 124 -3.99 17.57 26.18
CA HIS B 124 -3.98 19.05 25.97
C HIS B 124 -5.30 19.65 26.44
N VAL B 125 -6.41 18.97 26.14
CA VAL B 125 -7.78 19.55 26.36
C VAL B 125 -8.11 19.52 27.85
N ASP B 126 -7.77 18.43 28.55
CA ASP B 126 -8.09 18.22 29.98
C ASP B 126 -7.25 19.14 30.87
N SER B 127 -6.22 19.79 30.33
CA SER B 127 -5.22 20.58 31.11
C SER B 127 -5.33 22.09 30.86
N ASN B 128 -6.15 22.52 29.89
CA ASN B 128 -6.38 23.97 29.60
C ASN B 128 -7.81 24.34 29.98
N PRO B 129 -8.16 25.63 30.13
CA PRO B 129 -9.49 26.03 30.60
C PRO B 129 -10.51 26.20 29.46
N ALA B 130 -11.79 25.99 29.78
CA ALA B 130 -12.97 26.19 28.90
C ALA B 130 -13.01 27.66 28.46
N MET B 131 -12.77 27.91 27.17
CA MET B 131 -12.63 29.27 26.58
C MET B 131 -13.98 30.00 26.61
N THR B 132 -15.08 29.26 26.78
CA THR B 132 -16.46 29.79 26.88
C THR B 132 -16.71 30.34 28.30
N SER B 133 -15.80 30.12 29.26
CA SER B 133 -15.92 30.60 30.66
C SER B 133 -14.54 30.91 31.26
N LEU B 134 -13.98 32.05 30.87
CA LEU B 134 -12.70 32.61 31.39
C LEU B 134 -13.03 33.53 32.57
N ASP B 135 -12.02 34.23 33.09
CA ASP B 135 -12.15 35.16 34.25
C ASP B 135 -11.51 36.48 33.87
N TYR B 136 -12.31 37.56 33.83
CA TYR B 136 -11.93 38.94 33.43
C TYR B 136 -11.94 39.86 34.68
N SER B 137 -11.91 39.28 35.88
CA SER B 137 -12.06 40.05 37.15
C SER B 137 -10.95 41.10 37.29
N ARG B 138 -9.75 40.84 36.74
CA ARG B 138 -8.54 41.70 36.93
C ARG B 138 -8.18 42.41 35.61
N PHE B 139 -8.76 42.02 34.47
CA PHE B 139 -8.44 42.60 33.13
C PHE B 139 -8.45 44.14 33.24
N GLN B 140 -7.71 44.81 32.37
CA GLN B 140 -7.54 46.30 32.39
C GLN B 140 -6.78 46.69 31.12
N ALA B 141 -7.44 47.35 30.17
CA ALA B 141 -6.86 47.65 28.83
C ALA B 141 -5.96 48.90 28.87
N ASN B 142 -5.93 49.63 30.00
CA ASN B 142 -5.04 50.80 30.23
C ASN B 142 -4.70 50.92 31.72
N PRO B 143 -3.69 50.20 32.22
CA PRO B 143 -3.41 50.13 33.65
C PRO B 143 -3.16 51.46 34.38
N ASP B 144 -2.85 52.52 33.63
CA ASP B 144 -2.44 53.86 34.15
C ASP B 144 -1.04 53.74 34.78
N TYR B 145 -0.18 52.93 34.17
CA TYR B 145 1.30 53.01 34.26
C TYR B 145 1.93 52.45 32.99
N ASP B 151 4.53 47.75 42.09
CA ASP B 151 5.71 47.13 41.42
C ASP B 151 6.00 45.77 42.06
N THR B 152 6.49 45.71 43.30
CA THR B 152 6.84 44.43 44.00
C THR B 152 5.60 43.50 44.03
N GLN B 153 4.37 44.04 44.06
CA GLN B 153 3.12 43.23 44.04
C GLN B 153 2.94 42.60 42.65
N HIS B 154 3.12 43.36 41.59
CA HIS B 154 2.99 42.92 40.17
C HIS B 154 4.05 41.83 39.85
N ILE B 155 5.26 41.94 40.40
CA ILE B 155 6.35 40.93 40.26
C ILE B 155 5.98 39.67 41.04
N GLN B 156 5.28 39.80 42.17
CA GLN B 156 4.78 38.63 42.95
C GLN B 156 3.78 37.84 42.10
N GLN B 157 2.78 38.54 41.53
CA GLN B 157 1.68 37.95 40.72
C GLN B 157 2.28 37.20 39.52
N PHE B 158 3.39 37.71 38.98
CA PHE B 158 4.23 37.03 37.97
C PHE B 158 4.67 35.66 38.49
N TYR B 159 5.34 35.61 39.64
CA TYR B 159 5.86 34.34 40.21
C TYR B 159 4.68 33.38 40.45
N ASP B 160 3.52 33.91 40.88
CA ASP B 160 2.32 33.11 41.22
C ASP B 160 1.80 32.37 39.97
N LEU B 161 1.66 33.06 38.83
CA LEU B 161 1.25 32.47 37.53
C LEU B 161 2.22 31.34 37.13
N LEU B 162 3.50 31.51 37.43
CA LEU B 162 4.53 30.50 37.10
C LEU B 162 4.35 29.27 37.98
N THR B 163 4.28 29.48 39.30
CA THR B 163 4.24 28.37 40.28
C THR B 163 2.91 27.63 40.11
N GLY B 164 1.85 28.35 39.75
CA GLY B 164 0.52 27.77 39.49
C GLY B 164 0.55 26.76 38.35
N SER B 165 1.28 27.09 37.27
CA SER B 165 1.33 26.30 36.01
C SER B 165 2.13 24.99 36.18
N MET B 166 2.92 24.87 37.25
CA MET B 166 3.85 23.74 37.43
C MET B 166 3.10 22.43 37.70
N GLU B 167 2.14 22.44 38.64
CA GLU B 167 1.38 21.22 38.99
C GLU B 167 0.71 20.69 37.71
N ILE B 168 0.06 21.59 36.97
CA ILE B 168 -0.83 21.30 35.81
C ILE B 168 0.02 20.81 34.63
N ILE B 169 1.16 21.46 34.37
CA ILE B 169 2.07 21.12 33.24
C ILE B 169 2.69 19.75 33.53
N ARG B 170 2.92 19.42 34.81
CA ARG B 170 3.43 18.07 35.15
C ARG B 170 2.32 17.04 34.89
N GLY B 171 1.12 17.31 35.40
CA GLY B 171 -0.10 16.55 35.04
C GLY B 171 -0.14 16.21 33.55
N TRP B 172 -0.09 17.24 32.70
CA TRP B 172 -0.14 17.06 31.22
C TRP B 172 0.90 16.01 30.81
N ALA B 173 2.14 16.18 31.27
CA ALA B 173 3.32 15.41 30.79
C ALA B 173 3.12 13.93 31.09
N GLU B 174 2.69 13.64 32.31
CA GLU B 174 2.51 12.26 32.84
C GLU B 174 1.42 11.51 32.04
N LYS B 175 0.60 12.22 31.26
CA LYS B 175 -0.48 11.64 30.41
C LYS B 175 0.01 11.45 28.97
N ILE B 176 1.24 11.87 28.65
CA ILE B 176 1.84 11.56 27.32
C ILE B 176 2.26 10.10 27.32
N PRO B 177 1.73 9.27 26.40
CA PRO B 177 2.07 7.84 26.39
C PRO B 177 3.57 7.48 26.32
N GLY B 178 4.10 6.89 27.40
CA GLY B 178 5.49 6.40 27.50
C GLY B 178 6.33 7.21 28.49
N PHE B 179 5.83 8.38 28.89
CA PHE B 179 6.59 9.31 29.76
C PHE B 179 6.74 8.72 31.16
N ALA B 180 5.67 8.11 31.69
CA ALA B 180 5.60 7.57 33.05
C ALA B 180 6.33 6.21 33.12
N ASP B 181 6.65 5.63 31.96
CA ASP B 181 7.52 4.43 31.82
C ASP B 181 9.01 4.82 31.96
N LEU B 182 9.36 6.09 31.76
CA LEU B 182 10.77 6.56 31.87
C LEU B 182 11.22 6.45 33.33
N PRO B 183 12.54 6.38 33.58
CA PRO B 183 13.08 6.47 34.94
C PRO B 183 12.68 7.77 35.65
N LYS B 184 12.21 7.69 36.90
CA LYS B 184 11.77 8.86 37.69
C LYS B 184 12.79 9.99 37.52
N ALA B 185 14.08 9.68 37.46
CA ALA B 185 15.15 10.68 37.23
C ALA B 185 14.88 11.43 35.93
N ASP B 186 14.71 10.70 34.83
CA ASP B 186 14.58 11.26 33.46
C ASP B 186 13.29 12.07 33.34
N GLN B 187 12.22 11.65 34.01
CA GLN B 187 10.94 12.41 34.08
C GLN B 187 11.26 13.80 34.65
N ASP B 188 11.87 13.84 35.84
CA ASP B 188 12.14 15.09 36.57
C ASP B 188 13.04 15.99 35.69
N LEU B 189 14.06 15.43 35.05
CA LEU B 189 15.02 16.20 34.21
C LEU B 189 14.25 16.79 33.01
N LEU B 190 13.43 15.99 32.32
CA LEU B 190 12.72 16.41 31.09
C LEU B 190 11.71 17.51 31.41
N PHE B 191 11.04 17.43 32.56
CA PHE B 191 10.09 18.43 33.09
C PHE B 191 10.79 19.78 33.37
N GLU B 192 11.83 19.78 34.20
CA GLU B 192 12.52 21.02 34.65
C GLU B 192 13.15 21.74 33.46
N SER B 193 13.69 20.98 32.49
CA SER B 193 14.35 21.52 31.26
C SER B 193 13.33 22.21 30.35
N ALA B 194 12.06 21.79 30.36
CA ALA B 194 11.04 22.24 29.36
C ALA B 194 9.90 23.05 30.00
N PHE B 195 9.84 23.17 31.33
CA PHE B 195 8.71 23.83 32.02
C PHE B 195 8.48 25.24 31.45
N LEU B 196 9.54 26.04 31.33
CA LEU B 196 9.40 27.44 30.88
C LEU B 196 9.05 27.46 29.39
N GLU B 197 9.65 26.58 28.57
CA GLU B 197 9.35 26.50 27.11
C GLU B 197 7.87 26.15 26.90
N LEU B 198 7.25 25.41 27.84
CA LEU B 198 5.84 24.97 27.71
C LEU B 198 4.85 26.05 28.21
N PHE B 199 5.13 26.67 29.34
CA PHE B 199 4.27 27.73 29.91
C PHE B 199 4.07 28.83 28.89
N VAL B 200 5.13 29.14 28.14
CA VAL B 200 5.11 30.16 27.05
C VAL B 200 4.32 29.59 25.87
N LEU B 201 4.75 28.47 25.30
CA LEU B 201 4.16 27.85 24.07
C LEU B 201 2.64 27.75 24.21
N ARG B 202 2.15 27.22 25.34
CA ARG B 202 0.70 27.10 25.65
C ARG B 202 0.09 28.49 25.76
N LEU B 203 0.62 29.35 26.64
CA LEU B 203 0.14 30.75 26.78
C LEU B 203 -0.03 31.36 25.38
N ALA B 204 0.90 31.10 24.46
CA ALA B 204 0.95 31.72 23.11
C ALA B 204 -0.15 31.18 22.21
N TYR B 205 -0.60 29.95 22.42
CA TYR B 205 -1.55 29.25 21.52
C TYR B 205 -3.01 29.50 21.92
N ARG B 206 -3.24 29.86 23.18
CA ARG B 206 -4.61 30.05 23.74
C ARG B 206 -4.92 31.55 23.88
N SER B 207 -3.91 32.41 23.86
CA SER B 207 -4.11 33.88 24.00
C SER B 207 -4.70 34.46 22.71
N ASN B 208 -5.22 35.68 22.80
CA ASN B 208 -5.68 36.48 21.64
C ASN B 208 -4.75 37.66 21.45
N PRO B 209 -3.75 37.56 20.55
CA PRO B 209 -2.75 38.61 20.37
C PRO B 209 -3.33 39.83 19.63
N VAL B 210 -4.26 39.59 18.71
CA VAL B 210 -4.99 40.62 17.91
C VAL B 210 -5.59 41.68 18.85
N GLU B 211 -6.00 41.30 20.06
CA GLU B 211 -6.61 42.21 21.07
C GLU B 211 -5.70 42.40 22.30
N GLY B 212 -4.42 41.98 22.20
CA GLY B 212 -3.39 42.12 23.26
C GLY B 212 -3.73 41.34 24.52
N LYS B 213 -4.51 40.26 24.37
CA LYS B 213 -5.14 39.54 25.49
C LYS B 213 -4.35 38.25 25.75
N LEU B 214 -3.74 38.16 26.93
CA LEU B 214 -3.06 36.95 27.43
C LEU B 214 -4.02 36.18 28.35
N ILE B 215 -4.30 34.92 28.05
CA ILE B 215 -5.16 34.00 28.86
C ILE B 215 -4.28 32.90 29.48
N PHE B 216 -4.24 32.78 30.81
CA PHE B 216 -3.41 31.78 31.54
C PHE B 216 -4.20 30.48 31.75
N CYS B 217 -3.53 29.47 32.34
CA CYS B 217 -4.04 28.08 32.56
C CYS B 217 -5.29 28.10 33.43
N ASN B 218 -5.31 29.00 34.41
CA ASN B 218 -6.39 29.16 35.42
C ASN B 218 -7.49 30.07 34.86
N GLY B 219 -7.49 30.34 33.55
CA GLY B 219 -8.55 31.07 32.85
C GLY B 219 -8.48 32.58 33.08
N VAL B 220 -7.59 33.10 33.94
CA VAL B 220 -7.41 34.58 34.12
C VAL B 220 -7.03 35.23 32.78
N VAL B 221 -7.46 36.48 32.56
CA VAL B 221 -7.19 37.30 31.34
C VAL B 221 -6.54 38.62 31.77
N LEU B 222 -5.38 38.95 31.20
CA LEU B 222 -4.68 40.25 31.39
C LEU B 222 -4.28 40.84 30.03
N HIS B 223 -4.14 42.16 29.98
CA HIS B 223 -3.67 42.92 28.80
C HIS B 223 -2.15 43.00 28.89
N ARG B 224 -1.45 42.84 27.76
CA ARG B 224 0.04 42.77 27.77
C ARG B 224 0.60 43.91 28.63
N LEU B 225 -0.07 45.07 28.70
CA LEU B 225 0.43 46.27 29.43
C LEU B 225 0.34 46.07 30.94
N GLN B 226 -0.54 45.18 31.42
CA GLN B 226 -0.59 44.79 32.86
C GLN B 226 0.61 43.92 33.18
N CYS B 227 0.89 42.97 32.27
CA CYS B 227 1.93 41.92 32.39
C CYS B 227 3.34 42.52 32.36
N VAL B 228 3.57 43.57 31.55
CA VAL B 228 4.89 44.25 31.37
C VAL B 228 5.52 44.55 32.73
N ARG B 229 4.73 44.88 33.77
CA ARG B 229 5.29 45.29 35.08
C ARG B 229 6.04 44.10 35.72
N GLY B 230 5.64 42.86 35.42
CA GLY B 230 6.17 41.62 36.04
C GLY B 230 7.11 40.85 35.13
N PHE B 231 6.66 40.55 33.90
CA PHE B 231 7.41 39.80 32.85
C PHE B 231 8.58 40.66 32.30
N GLY B 232 8.48 41.98 32.41
CA GLY B 232 9.36 42.90 31.68
C GLY B 232 8.92 42.99 30.22
N GLU B 233 9.79 43.52 29.37
CA GLU B 233 9.51 43.70 27.93
C GLU B 233 9.54 42.31 27.25
N TRP B 234 10.00 41.28 27.95
CA TRP B 234 9.85 39.86 27.52
C TRP B 234 8.45 39.66 26.94
N ILE B 235 7.41 40.19 27.58
CA ILE B 235 5.99 39.93 27.20
C ILE B 235 5.74 40.37 25.77
N ASP B 236 6.33 41.49 25.33
CA ASP B 236 6.14 42.02 23.95
C ASP B 236 6.71 40.98 22.97
N SER B 237 7.86 40.38 23.32
CA SER B 237 8.48 39.28 22.56
C SER B 237 7.54 38.07 22.54
N ILE B 238 6.82 37.79 23.64
CA ILE B 238 5.87 36.64 23.74
C ILE B 238 4.66 36.90 22.82
N VAL B 239 4.06 38.11 22.83
CA VAL B 239 2.85 38.40 22.01
C VAL B 239 3.21 38.31 20.52
N GLU B 240 4.43 38.72 20.15
CA GLU B 240 4.93 38.64 18.74
C GLU B 240 4.95 37.16 18.32
N PHE B 241 5.51 36.29 19.15
CA PHE B 241 5.58 34.82 18.92
C PHE B 241 4.15 34.32 18.68
N SER B 242 3.24 34.70 19.59
CA SER B 242 1.82 34.26 19.60
C SER B 242 1.15 34.66 18.27
N SER B 243 1.34 35.90 17.85
CA SER B 243 0.96 36.39 16.50
C SER B 243 1.41 35.38 15.44
N ASN B 244 2.73 35.19 15.29
CA ASN B 244 3.35 34.29 14.27
C ASN B 244 2.65 32.94 14.32
N LEU B 245 2.57 32.34 15.52
CA LEU B 245 2.15 30.93 15.76
C LEU B 245 0.73 30.75 15.26
N GLN B 246 -0.16 31.69 15.62
CA GLN B 246 -1.61 31.65 15.30
C GLN B 246 -1.82 31.91 13.81
N ASN B 247 -0.93 32.68 13.19
CA ASN B 247 -1.01 33.05 11.75
C ASN B 247 -0.62 31.87 10.86
N MET B 248 -0.24 30.71 11.43
CA MET B 248 0.00 29.46 10.66
C MET B 248 -1.27 28.60 10.64
N ASN B 249 -2.30 28.95 11.42
CA ASN B 249 -3.55 28.16 11.55
C ASN B 249 -3.18 26.70 11.79
N ILE B 250 -2.67 26.43 12.99
CA ILE B 250 -2.29 25.08 13.50
C ILE B 250 -3.51 24.47 14.21
N ASP B 251 -4.08 23.42 13.63
CA ASP B 251 -5.17 22.61 14.22
C ASP B 251 -4.63 21.89 15.48
N ILE B 252 -5.51 21.65 16.42
CA ILE B 252 -5.18 21.15 17.79
C ILE B 252 -4.39 19.82 17.75
N SER B 253 -4.65 18.93 16.79
CA SER B 253 -3.93 17.63 16.69
C SER B 253 -2.44 17.87 16.50
N ALA B 254 -2.07 18.86 15.69
CA ALA B 254 -0.66 19.18 15.37
C ALA B 254 -0.03 19.92 16.55
N PHE B 255 -0.70 20.92 17.13
CA PHE B 255 -0.16 21.62 18.32
C PHE B 255 0.09 20.59 19.43
N SER B 256 -0.87 19.68 19.65
CA SER B 256 -0.81 18.61 20.69
C SER B 256 0.51 17.82 20.57
N CYS B 257 1.02 17.60 19.35
CA CYS B 257 2.30 16.90 19.05
C CYS B 257 3.52 17.81 19.30
N ILE B 258 3.46 19.04 18.81
CA ILE B 258 4.53 20.07 18.97
C ILE B 258 4.83 20.24 20.46
N ALA B 259 3.81 20.34 21.31
CA ALA B 259 3.99 20.54 22.76
C ALA B 259 4.68 19.32 23.35
N ALA B 260 4.33 18.12 22.88
CA ALA B 260 5.00 16.87 23.28
C ALA B 260 6.48 16.89 22.85
N LEU B 261 6.78 17.28 21.62
CA LEU B 261 8.17 17.33 21.08
C LEU B 261 9.00 18.36 21.88
N ALA B 262 8.36 19.37 22.48
CA ALA B 262 9.01 20.41 23.31
C ALA B 262 9.57 19.78 24.59
N MET B 263 8.88 18.78 25.15
CA MET B 263 9.15 18.16 26.49
C MET B 263 10.02 16.91 26.30
N VAL B 264 9.54 15.96 25.48
CA VAL B 264 10.21 14.67 25.14
C VAL B 264 11.30 14.95 24.11
N THR B 265 12.48 15.31 24.59
CA THR B 265 13.63 15.75 23.73
C THR B 265 14.94 15.30 24.39
N GLU B 266 16.03 15.32 23.62
CA GLU B 266 17.41 14.97 24.02
C GLU B 266 17.86 15.97 25.10
N ARG B 267 18.42 15.50 26.22
CA ARG B 267 18.99 16.37 27.29
C ARG B 267 20.19 15.65 27.93
N HIS B 268 21.20 16.44 28.32
CA HIS B 268 22.41 15.98 29.06
C HIS B 268 22.01 15.53 30.47
N GLY B 269 22.28 14.27 30.82
CA GLY B 269 21.98 13.69 32.14
C GLY B 269 20.97 12.54 32.07
N LEU B 270 20.37 12.31 30.91
CA LEU B 270 19.36 11.23 30.75
C LEU B 270 20.05 9.90 31.05
N LYS B 271 19.53 9.13 32.01
CA LYS B 271 19.93 7.71 32.24
C LYS B 271 19.69 6.86 30.99
N GLU B 272 18.55 7.04 30.32
CA GLU B 272 18.12 6.18 29.18
C GLU B 272 17.73 7.08 28.01
N PRO B 273 18.72 7.64 27.27
CA PRO B 273 18.44 8.45 26.08
C PRO B 273 17.63 7.71 25.00
N LYS B 274 18.11 6.57 24.49
CA LYS B 274 17.47 5.86 23.35
C LYS B 274 15.96 5.69 23.59
N ARG B 275 15.53 5.42 24.82
CA ARG B 275 14.09 5.34 25.20
C ARG B 275 13.40 6.65 24.82
N VAL B 276 13.94 7.77 25.29
CA VAL B 276 13.47 9.16 25.00
C VAL B 276 13.51 9.38 23.48
N GLU B 277 14.59 8.96 22.80
CA GLU B 277 14.77 9.08 21.32
C GLU B 277 13.65 8.32 20.59
N GLU B 278 13.33 7.10 21.01
CA GLU B 278 12.31 6.23 20.36
C GLU B 278 10.92 6.86 20.52
N LEU B 279 10.69 7.51 21.66
CA LEU B 279 9.38 8.10 22.01
C LEU B 279 9.19 9.38 21.17
N GLN B 280 10.22 10.23 21.14
CA GLN B 280 10.27 11.43 20.26
C GLN B 280 9.95 11.01 18.84
N ASN B 281 10.53 9.89 18.41
CA ASN B 281 10.39 9.37 17.01
C ASN B 281 8.93 8.97 16.74
N LYS B 282 8.25 8.28 17.67
CA LYS B 282 6.80 7.95 17.53
C LYS B 282 6.03 9.26 17.28
N ILE B 283 6.16 10.23 18.19
CA ILE B 283 5.41 11.54 18.19
C ILE B 283 5.60 12.27 16.85
N VAL B 284 6.81 12.27 16.28
CA VAL B 284 7.11 12.95 14.99
C VAL B 284 6.26 12.29 13.89
N ASN B 285 6.37 10.97 13.76
CA ASN B 285 5.67 10.14 12.73
C ASN B 285 4.16 10.29 12.93
N CYS B 286 3.74 10.47 14.19
CA CYS B 286 2.35 10.80 14.61
C CYS B 286 1.90 12.11 13.96
N LEU B 287 2.73 13.16 14.07
CA LEU B 287 2.49 14.51 13.51
C LEU B 287 2.52 14.47 11.98
N LYS B 288 3.41 13.68 11.37
CA LYS B 288 3.58 13.56 9.90
C LYS B 288 2.30 12.95 9.31
N ASP B 289 1.92 11.78 9.83
CA ASP B 289 0.72 11.01 9.41
C ASP B 289 -0.49 11.96 9.38
N HIS B 290 -0.63 12.83 10.38
CA HIS B 290 -1.75 13.79 10.47
C HIS B 290 -1.69 14.83 9.33
N VAL B 291 -0.54 15.46 9.09
CA VAL B 291 -0.38 16.54 8.06
C VAL B 291 -0.65 15.96 6.67
N THR B 292 -0.12 14.77 6.36
CA THR B 292 -0.29 14.16 5.01
C THR B 292 -1.70 13.59 4.86
N PHE B 293 -2.41 13.29 5.96
CA PHE B 293 -3.81 12.77 5.92
C PHE B 293 -4.75 13.90 5.50
N ASN B 294 -4.67 15.04 6.19
CA ASN B 294 -5.49 16.25 5.91
C ASN B 294 -4.92 17.01 4.71
N ASN B 295 -4.33 16.30 3.73
CA ASN B 295 -3.89 16.85 2.41
C ASN B 295 -4.09 15.81 1.31
N GLY B 296 -5.03 14.87 1.54
CA GLY B 296 -5.39 13.78 0.61
C GLY B 296 -4.22 12.87 0.26
N GLY B 297 -3.19 12.79 1.13
CA GLY B 297 -2.09 11.80 1.03
C GLY B 297 -0.74 12.42 0.77
N LEU B 298 -0.68 13.61 0.14
CA LEU B 298 0.60 14.26 -0.28
C LEU B 298 1.21 15.02 0.91
N ASN B 299 2.50 14.79 1.19
CA ASN B 299 3.26 15.52 2.24
C ASN B 299 3.23 17.03 1.92
N ARG B 300 3.16 17.87 2.96
CA ARG B 300 3.36 19.34 2.90
C ARG B 300 4.72 19.66 3.53
N PRO B 301 5.83 19.50 2.79
CA PRO B 301 7.16 19.57 3.38
C PRO B 301 7.54 20.95 3.93
N ASN B 302 6.92 22.03 3.42
CA ASN B 302 7.23 23.42 3.86
C ASN B 302 6.49 23.71 5.17
N TYR B 303 5.20 23.34 5.25
CA TYR B 303 4.36 23.54 6.46
C TYR B 303 5.07 22.86 7.63
N LEU B 304 5.35 21.57 7.46
CA LEU B 304 6.00 20.70 8.48
C LEU B 304 7.30 21.36 8.96
N SER B 305 8.13 21.83 8.02
CA SER B 305 9.40 22.58 8.30
C SER B 305 9.13 23.78 9.20
N LYS B 306 8.12 24.60 8.89
CA LYS B 306 7.86 25.90 9.57
C LYS B 306 7.38 25.62 10.98
N LEU B 307 6.70 24.48 11.13
CA LEU B 307 6.04 24.00 12.38
C LEU B 307 7.13 23.61 13.41
N LEU B 308 8.06 22.76 12.96
CA LEU B 308 9.25 22.28 13.73
C LEU B 308 10.25 23.43 13.95
N GLY B 309 10.16 24.48 13.12
CA GLY B 309 11.01 25.68 13.22
C GLY B 309 10.64 26.53 14.41
N LYS B 310 9.50 26.22 15.07
CA LYS B 310 8.97 26.96 16.24
C LYS B 310 9.71 26.57 17.53
N LEU B 311 10.04 25.27 17.69
CA LEU B 311 10.63 24.71 18.94
C LEU B 311 11.99 25.36 19.22
N PRO B 312 12.83 25.62 18.19
CA PRO B 312 14.04 26.43 18.37
C PRO B 312 13.80 27.90 18.72
N GLU B 313 12.79 28.55 18.12
CA GLU B 313 12.48 29.98 18.39
C GLU B 313 12.05 30.12 19.85
N LEU B 314 11.34 29.10 20.35
CA LEU B 314 10.77 29.02 21.72
C LEU B 314 11.92 29.03 22.74
N ARG B 315 12.94 28.21 22.50
CA ARG B 315 14.11 28.10 23.39
C ARG B 315 14.76 29.50 23.44
N THR B 316 14.87 30.19 22.29
CA THR B 316 15.50 31.54 22.21
C THR B 316 14.66 32.55 22.99
N LEU B 317 13.35 32.48 22.81
CA LEU B 317 12.37 33.30 23.55
C LEU B 317 12.63 33.14 25.06
N CYS B 318 12.79 31.89 25.48
CA CYS B 318 12.82 31.52 26.91
C CYS B 318 14.08 32.04 27.60
N THR B 319 15.24 32.02 26.94
CA THR B 319 16.47 32.63 27.51
C THR B 319 16.16 34.08 27.90
N GLN B 320 15.42 34.83 27.05
CA GLN B 320 14.95 36.21 27.37
C GLN B 320 14.21 36.20 28.73
N GLY B 321 13.43 35.16 28.97
CA GLY B 321 12.77 34.91 30.26
C GLY B 321 13.76 34.75 31.39
N LEU B 322 14.80 33.93 31.22
CA LEU B 322 15.85 33.67 32.22
C LEU B 322 16.60 34.96 32.53
N GLN B 323 16.92 35.77 31.51
CA GLN B 323 17.54 37.12 31.67
C GLN B 323 16.71 37.91 32.69
N ARG B 324 15.37 37.85 32.59
CA ARG B 324 14.44 38.57 33.48
C ARG B 324 14.56 38.06 34.93
N ILE B 325 14.62 36.75 35.15
CA ILE B 325 14.68 36.19 36.54
C ILE B 325 16.03 36.54 37.16
N PHE B 326 17.12 36.46 36.40
CA PHE B 326 18.49 36.88 36.80
C PHE B 326 18.48 38.35 37.25
N TYR B 327 17.85 39.22 36.44
CA TYR B 327 17.70 40.67 36.74
C TYR B 327 17.05 40.84 38.12
N LEU B 328 15.92 40.15 38.37
CA LEU B 328 15.12 40.26 39.62
C LEU B 328 15.92 39.68 40.79
N LYS B 329 16.70 38.62 40.55
CA LYS B 329 17.56 37.97 41.58
C LYS B 329 18.60 38.98 42.05
N LEU B 330 19.36 39.54 41.10
CA LEU B 330 20.49 40.49 41.31
C LEU B 330 19.99 41.82 41.87
N GLU B 331 18.80 42.28 41.47
CA GLU B 331 18.17 43.52 42.03
C GLU B 331 17.91 43.30 43.53
N ASP B 332 17.60 42.05 43.93
CA ASP B 332 17.36 41.63 45.33
C ASP B 332 16.26 42.52 45.94
N LEU B 333 15.28 42.94 45.14
CA LEU B 333 14.14 43.79 45.61
C LEU B 333 12.98 42.88 46.03
N VAL B 334 12.57 41.95 45.15
CA VAL B 334 11.71 40.80 45.56
C VAL B 334 12.28 39.48 45.03
N PRO B 335 12.64 38.54 45.93
CA PRO B 335 13.40 37.36 45.55
C PRO B 335 12.50 36.26 45.01
N PRO B 336 12.87 35.61 43.87
CA PRO B 336 12.14 34.43 43.40
C PRO B 336 11.96 33.39 44.52
N PRO B 337 10.75 32.82 44.74
CA PRO B 337 10.57 31.75 45.73
C PRO B 337 11.36 30.49 45.33
N ALA B 338 11.75 29.68 46.31
CA ALA B 338 12.61 28.47 46.17
C ALA B 338 12.32 27.73 44.85
N ILE B 339 11.07 27.35 44.61
CA ILE B 339 10.67 26.48 43.47
C ILE B 339 11.09 27.13 42.13
N ILE B 340 10.94 28.46 42.01
CA ILE B 340 11.41 29.26 40.84
C ILE B 340 12.92 29.19 40.80
N ASP B 341 13.57 29.62 41.88
CA ASP B 341 15.06 29.65 42.04
C ASP B 341 15.60 28.30 41.54
N LYS B 342 15.03 27.18 42.01
CA LYS B 342 15.42 25.80 41.64
C LYS B 342 15.35 25.66 40.10
N LEU B 343 14.24 26.05 39.48
CA LEU B 343 13.90 25.76 38.06
C LEU B 343 14.61 26.70 37.09
N PHE B 344 15.25 27.76 37.59
CA PHE B 344 16.15 28.67 36.83
C PHE B 344 17.54 28.03 36.77
N LEU C 14 -44.54 -22.13 -51.65
CA LEU C 14 -44.03 -23.08 -50.62
C LEU C 14 -45.10 -23.35 -49.54
N CYS C 15 -46.20 -22.58 -49.52
CA CYS C 15 -47.26 -22.65 -48.46
C CYS C 15 -48.09 -23.93 -48.62
N ALA C 16 -48.10 -24.79 -47.60
CA ALA C 16 -48.78 -26.11 -47.58
C ALA C 16 -50.29 -25.95 -47.76
N VAL C 17 -50.87 -24.83 -47.30
CA VAL C 17 -52.34 -24.57 -47.33
C VAL C 17 -52.70 -23.97 -48.70
N CYS C 18 -52.34 -22.71 -48.94
CA CYS C 18 -52.87 -21.85 -50.04
C CYS C 18 -51.91 -21.79 -51.24
N GLY C 19 -50.67 -22.29 -51.11
CA GLY C 19 -49.65 -22.27 -52.17
C GLY C 19 -49.00 -20.92 -52.37
N ASP C 20 -49.39 -19.87 -51.60
CA ASP C 20 -48.76 -18.52 -51.61
C ASP C 20 -47.28 -18.67 -51.19
N ASN C 21 -46.51 -17.59 -51.29
CA ASN C 21 -45.10 -17.49 -50.79
C ASN C 21 -45.06 -17.81 -49.29
N ALA C 22 -44.17 -18.72 -48.89
CA ALA C 22 -43.93 -19.11 -47.48
C ALA C 22 -42.43 -18.99 -47.15
N ALA C 23 -42.09 -18.33 -46.03
CA ALA C 23 -40.72 -17.97 -45.62
C ALA C 23 -40.51 -18.26 -44.13
N CYS C 24 -41.00 -19.41 -43.65
CA CYS C 24 -40.97 -19.78 -42.21
C CYS C 24 -41.93 -20.95 -41.93
N GLN C 25 -41.88 -21.48 -40.71
CA GLN C 25 -42.80 -22.51 -40.19
C GLN C 25 -43.64 -21.84 -39.11
N HIS C 26 -44.97 -21.95 -39.19
CA HIS C 26 -45.90 -21.43 -38.16
C HIS C 26 -46.84 -22.56 -37.70
N TYR C 27 -46.88 -22.81 -36.38
CA TYR C 27 -47.75 -23.83 -35.75
C TYR C 27 -47.50 -25.22 -36.37
N GLY C 28 -46.28 -25.46 -36.87
CA GLY C 28 -45.80 -26.81 -37.29
C GLY C 28 -45.56 -26.94 -38.78
N VAL C 29 -46.23 -26.15 -39.61
CA VAL C 29 -46.21 -26.32 -41.10
C VAL C 29 -45.59 -25.08 -41.76
N ARG C 30 -45.03 -25.27 -42.97
CA ARG C 30 -44.62 -24.19 -43.92
C ARG C 30 -45.90 -23.48 -44.40
N THR C 31 -46.10 -22.21 -44.02
CA THR C 31 -47.36 -21.46 -44.28
C THR C 31 -47.06 -19.98 -44.53
N CYS C 32 -47.92 -19.34 -45.36
CA CYS C 32 -47.92 -17.88 -45.69
C CYS C 32 -48.35 -17.08 -44.45
N GLU C 33 -48.10 -15.78 -44.40
CA GLU C 33 -48.45 -14.93 -43.22
C GLU C 33 -49.97 -14.93 -43.05
N GLY C 34 -50.71 -15.15 -44.15
CA GLY C 34 -52.18 -15.14 -44.18
C GLY C 34 -52.77 -16.31 -43.40
N CYS C 35 -52.46 -17.52 -43.85
CA CYS C 35 -52.96 -18.79 -43.25
C CYS C 35 -52.46 -18.90 -41.80
N LYS C 36 -51.28 -18.34 -41.51
CA LYS C 36 -50.79 -18.15 -40.12
C LYS C 36 -51.84 -17.36 -39.34
N GLY C 37 -52.11 -16.12 -39.76
CA GLY C 37 -53.05 -15.21 -39.10
C GLY C 37 -54.42 -15.85 -38.93
N PHE C 38 -54.91 -16.56 -39.96
CA PHE C 38 -56.27 -17.16 -39.99
C PHE C 38 -56.35 -18.23 -38.89
N PHE C 39 -55.37 -19.14 -38.86
CA PHE C 39 -55.28 -20.25 -37.88
C PHE C 39 -55.23 -19.69 -36.45
N LYS C 40 -54.30 -18.77 -36.18
CA LYS C 40 -54.15 -18.15 -34.85
C LYS C 40 -55.53 -17.67 -34.38
N ARG C 41 -56.19 -16.82 -35.18
CA ARG C 41 -57.46 -16.12 -34.82
C ARG C 41 -58.58 -17.16 -34.59
N THR C 42 -58.71 -18.13 -35.50
CA THR C 42 -59.69 -19.24 -35.39
C THR C 42 -59.63 -19.81 -33.96
N VAL C 43 -58.47 -20.34 -33.58
CA VAL C 43 -58.25 -21.16 -32.35
C VAL C 43 -58.39 -20.27 -31.11
N GLN C 44 -57.98 -19.00 -31.17
CA GLN C 44 -58.07 -18.06 -30.03
C GLN C 44 -59.54 -17.86 -29.62
N LYS C 45 -60.49 -18.03 -30.56
CA LYS C 45 -61.94 -17.73 -30.40
C LYS C 45 -62.79 -19.02 -30.33
N ASN C 46 -62.18 -20.20 -30.56
CA ASN C 46 -62.88 -21.52 -30.68
C ASN C 46 -63.85 -21.53 -31.87
N ALA C 47 -63.74 -20.53 -32.76
CA ALA C 47 -64.69 -20.22 -33.85
C ALA C 47 -65.00 -21.46 -34.68
N LYS C 48 -66.27 -21.61 -35.08
CA LYS C 48 -66.78 -22.73 -35.92
C LYS C 48 -67.45 -22.16 -37.17
N TYR C 49 -67.20 -22.77 -38.33
CA TYR C 49 -67.51 -22.23 -39.69
C TYR C 49 -68.53 -23.12 -40.41
N VAL C 50 -69.16 -22.57 -41.47
CA VAL C 50 -70.40 -23.10 -42.12
C VAL C 50 -70.17 -23.26 -43.63
N CYS C 51 -69.94 -24.49 -44.08
CA CYS C 51 -69.73 -24.86 -45.51
C CYS C 51 -71.06 -24.79 -46.27
N LEU C 52 -71.07 -24.18 -47.46
CA LEU C 52 -72.28 -24.05 -48.32
C LEU C 52 -72.18 -25.02 -49.51
N ALA C 53 -71.69 -26.25 -49.31
CA ALA C 53 -71.43 -27.23 -50.40
C ALA C 53 -71.17 -28.63 -49.82
N ASN C 54 -70.18 -29.37 -50.35
CA ASN C 54 -69.88 -30.79 -50.03
C ASN C 54 -68.82 -30.87 -48.93
N LYS C 55 -68.30 -29.71 -48.45
CA LYS C 55 -67.11 -29.62 -47.57
C LYS C 55 -65.87 -30.03 -48.36
N ASN C 56 -65.68 -29.42 -49.54
CA ASN C 56 -64.50 -29.63 -50.42
C ASN C 56 -64.32 -28.45 -51.37
N CYS C 57 -64.59 -27.22 -50.91
CA CYS C 57 -64.34 -25.96 -51.67
C CYS C 57 -62.90 -25.92 -52.14
N PRO C 58 -62.59 -25.35 -53.33
CA PRO C 58 -61.22 -25.03 -53.71
C PRO C 58 -60.56 -24.01 -52.76
N VAL C 59 -59.33 -24.32 -52.29
CA VAL C 59 -58.52 -23.44 -51.40
C VAL C 59 -57.14 -23.26 -52.02
N ASP C 60 -56.92 -22.11 -52.67
CA ASP C 60 -55.64 -21.69 -53.27
C ASP C 60 -55.52 -20.17 -53.06
N LYS C 61 -54.51 -19.53 -53.67
CA LYS C 61 -53.97 -18.20 -53.28
C LYS C 61 -55.06 -17.12 -53.30
N ARG C 62 -56.02 -17.18 -54.23
CA ARG C 62 -57.06 -16.11 -54.36
C ARG C 62 -58.36 -16.56 -53.67
N ARG C 63 -58.74 -17.83 -53.85
CA ARG C 63 -60.05 -18.37 -53.41
C ARG C 63 -60.08 -18.67 -51.90
N ARG C 64 -58.92 -18.69 -51.23
CA ARG C 64 -58.79 -19.11 -49.80
C ARG C 64 -59.81 -18.39 -48.92
N ASN C 65 -60.05 -17.09 -49.15
CA ASN C 65 -60.80 -16.23 -48.19
C ASN C 65 -62.31 -16.46 -48.28
N ARG C 66 -62.78 -17.35 -49.15
CA ARG C 66 -64.24 -17.52 -49.43
C ARG C 66 -64.84 -18.50 -48.42
N CYS C 67 -64.68 -19.82 -48.60
CA CYS C 67 -65.19 -20.84 -47.63
C CYS C 67 -64.21 -20.94 -46.45
N GLN C 68 -64.49 -20.17 -45.37
CA GLN C 68 -63.72 -20.18 -44.11
C GLN C 68 -63.62 -21.61 -43.57
N TYR C 69 -64.73 -22.35 -43.53
CA TYR C 69 -64.81 -23.74 -43.02
C TYR C 69 -63.73 -24.59 -43.71
N CYS C 70 -63.63 -24.47 -45.04
CA CYS C 70 -62.80 -25.37 -45.90
C CYS C 70 -61.32 -25.00 -45.77
N ARG C 71 -61.00 -23.71 -45.53
CA ARG C 71 -59.60 -23.23 -45.31
C ARG C 71 -59.07 -23.85 -44.02
N PHE C 72 -59.82 -23.77 -42.91
CA PHE C 72 -59.44 -24.23 -41.56
C PHE C 72 -59.44 -25.77 -41.47
N GLN C 73 -60.06 -26.44 -42.44
CA GLN C 73 -60.08 -27.93 -42.53
C GLN C 73 -58.78 -28.39 -43.23
N LYS C 74 -58.29 -27.60 -44.19
CA LYS C 74 -57.06 -27.89 -44.99
C LYS C 74 -55.82 -27.53 -44.14
N CYS C 75 -55.86 -26.40 -43.43
CA CYS C 75 -54.87 -26.03 -42.38
C CYS C 75 -54.61 -27.29 -41.52
N LEU C 76 -55.65 -27.76 -40.81
CA LEU C 76 -55.62 -28.93 -39.88
C LEU C 76 -55.04 -30.19 -40.55
N ALA C 77 -55.33 -30.40 -41.83
CA ALA C 77 -54.95 -31.61 -42.61
C ALA C 77 -53.44 -31.70 -42.83
N VAL C 78 -52.80 -30.65 -43.35
CA VAL C 78 -51.35 -30.65 -43.72
C VAL C 78 -50.50 -30.61 -42.44
N GLY C 79 -51.12 -30.44 -41.26
CA GLY C 79 -50.53 -30.79 -39.95
C GLY C 79 -50.46 -29.66 -38.93
N MET C 80 -51.09 -28.51 -39.18
CA MET C 80 -51.07 -27.37 -38.22
C MET C 80 -51.67 -27.83 -36.87
N VAL C 81 -51.24 -27.22 -35.76
CA VAL C 81 -51.31 -27.78 -34.38
C VAL C 81 -52.04 -26.82 -33.44
N LYS C 82 -53.34 -27.06 -33.20
CA LYS C 82 -54.17 -26.22 -32.30
C LYS C 82 -53.38 -25.85 -31.04
N GLU C 83 -52.65 -26.82 -30.48
CA GLU C 83 -52.02 -26.73 -29.13
C GLU C 83 -50.97 -25.62 -29.07
N VAL C 84 -50.26 -25.35 -30.18
CA VAL C 84 -49.13 -24.37 -30.21
C VAL C 84 -49.67 -22.96 -29.89
N VAL C 85 -50.84 -22.61 -30.42
CA VAL C 85 -51.55 -21.32 -30.09
C VAL C 85 -51.67 -21.21 -28.57
N ARG C 86 -51.22 -20.09 -28.00
CA ARG C 86 -51.05 -19.95 -26.53
C ARG C 86 -52.34 -19.37 -25.93
N THR C 87 -52.71 -19.80 -24.73
CA THR C 87 -53.87 -19.33 -23.92
C THR C 87 -53.58 -19.51 -22.42
N ASP C 88 -54.49 -19.08 -21.55
CA ASP C 88 -54.41 -19.31 -20.07
C ASP C 88 -53.24 -18.49 -19.54
N SER C 89 -52.29 -19.13 -18.84
CA SER C 89 -51.05 -18.53 -18.28
C SER C 89 -50.16 -17.92 -19.38
N LEU C 90 -50.13 -18.52 -20.57
CA LEU C 90 -49.24 -18.12 -21.70
C LEU C 90 -49.95 -17.16 -22.66
N LYS C 91 -51.11 -16.61 -22.29
CA LYS C 91 -51.80 -15.56 -23.10
C LYS C 91 -50.85 -14.36 -23.22
N GLY C 92 -50.82 -13.74 -24.41
CA GLY C 92 -50.13 -12.46 -24.69
C GLY C 92 -48.64 -12.52 -24.40
N ARG C 93 -48.04 -13.70 -24.53
CA ARG C 93 -46.60 -13.94 -24.31
C ARG C 93 -45.97 -14.26 -25.67
N ARG C 94 -45.15 -13.36 -26.24
CA ARG C 94 -44.61 -13.48 -27.63
C ARG C 94 -43.25 -14.18 -27.63
N GLY C 95 -42.71 -14.45 -28.81
CA GLY C 95 -41.33 -14.97 -29.01
C GLY C 95 -41.18 -16.40 -28.53
N ARG C 96 -40.07 -17.05 -28.91
CA ARG C 96 -39.73 -18.44 -28.47
C ARG C 96 -39.57 -18.43 -26.95
N LEU C 97 -39.88 -19.57 -26.30
CA LEU C 97 -39.92 -19.71 -24.81
C LEU C 97 -38.55 -20.11 -24.26
N PRO C 98 -38.27 -19.81 -22.97
CA PRO C 98 -37.04 -20.27 -22.33
C PRO C 98 -37.16 -21.75 -21.94
N SER C 99 -36.05 -22.51 -22.02
CA SER C 99 -35.92 -23.90 -21.49
C SER C 99 -35.36 -23.89 -20.06
N PRO C 112 -20.96 -29.86 -37.78
CA PRO C 112 -19.50 -29.86 -38.01
C PRO C 112 -18.78 -30.81 -37.04
N PRO C 113 -18.71 -30.52 -35.72
CA PRO C 113 -17.93 -31.36 -34.79
C PRO C 113 -18.45 -32.80 -34.75
N VAL C 114 -17.57 -33.78 -34.98
CA VAL C 114 -17.84 -35.25 -34.84
C VAL C 114 -17.67 -35.66 -33.37
N SER C 115 -18.58 -36.48 -32.84
CA SER C 115 -18.51 -36.98 -31.45
C SER C 115 -17.22 -37.81 -31.26
N LEU C 116 -16.68 -37.79 -30.04
CA LEU C 116 -15.47 -38.59 -29.71
C LEU C 116 -15.75 -40.06 -30.01
N ILE C 117 -16.83 -40.63 -29.45
CA ILE C 117 -17.21 -42.07 -29.65
C ILE C 117 -17.17 -42.40 -31.16
N SER C 118 -17.75 -41.53 -32.01
CA SER C 118 -17.81 -41.77 -33.47
C SER C 118 -16.39 -41.90 -34.04
N ALA C 119 -15.49 -40.99 -33.68
CA ALA C 119 -14.07 -41.02 -34.13
C ALA C 119 -13.40 -42.34 -33.71
N LEU C 120 -13.59 -42.74 -32.47
CA LEU C 120 -12.93 -43.94 -31.91
C LEU C 120 -13.42 -45.16 -32.70
N VAL C 121 -14.68 -45.13 -33.16
CA VAL C 121 -15.29 -46.24 -33.94
C VAL C 121 -14.73 -46.19 -35.35
N ARG C 122 -14.68 -44.99 -35.95
CA ARG C 122 -14.20 -44.79 -37.34
C ARG C 122 -12.76 -45.31 -37.42
N ALA C 123 -11.94 -45.00 -36.41
CA ALA C 123 -10.52 -45.38 -36.33
C ALA C 123 -10.39 -46.92 -36.28
N HIS C 124 -11.27 -47.57 -35.53
CA HIS C 124 -11.30 -49.04 -35.42
C HIS C 124 -11.71 -49.66 -36.75
N VAL C 125 -12.69 -49.07 -37.43
CA VAL C 125 -13.30 -49.66 -38.64
C VAL C 125 -12.36 -49.53 -39.83
N ASP C 126 -11.69 -48.38 -39.97
CA ASP C 126 -10.76 -48.08 -41.10
C ASP C 126 -9.49 -48.94 -41.03
N SER C 127 -9.21 -49.58 -39.88
CA SER C 127 -7.92 -50.26 -39.59
C SER C 127 -8.07 -51.78 -39.54
N ASN C 128 -9.29 -52.32 -39.58
CA ASN C 128 -9.56 -53.78 -39.64
C ASN C 128 -10.18 -54.07 -41.02
N PRO C 129 -10.26 -55.34 -41.45
CA PRO C 129 -10.74 -55.67 -42.79
C PRO C 129 -12.25 -55.91 -42.84
N ALA C 130 -12.86 -55.73 -44.02
CA ALA C 130 -14.28 -56.05 -44.29
C ALA C 130 -14.52 -57.54 -44.06
N MET C 131 -15.27 -57.89 -43.00
CA MET C 131 -15.51 -59.28 -42.53
C MET C 131 -16.33 -60.06 -43.56
N THR C 132 -17.05 -59.33 -44.41
CA THR C 132 -17.92 -59.86 -45.49
C THR C 132 -17.05 -60.29 -46.68
N SER C 133 -15.74 -59.97 -46.70
CA SER C 133 -14.80 -60.33 -47.80
C SER C 133 -13.38 -60.50 -47.25
N LEU C 134 -13.13 -61.64 -46.61
CA LEU C 134 -11.81 -62.03 -46.06
C LEU C 134 -11.02 -62.76 -47.14
N ASP C 135 -9.83 -63.26 -46.79
CA ASP C 135 -8.98 -64.06 -47.70
C ASP C 135 -8.71 -65.44 -47.09
N TYR C 136 -9.22 -66.49 -47.75
CA TYR C 136 -9.09 -67.91 -47.33
C TYR C 136 -8.15 -68.65 -48.30
N SER C 137 -7.33 -67.93 -49.06
CA SER C 137 -6.46 -68.55 -50.10
C SER C 137 -5.45 -69.50 -49.43
N ARG C 138 -5.08 -69.26 -48.17
CA ARG C 138 -4.05 -70.05 -47.44
C ARG C 138 -4.66 -70.95 -46.34
N PHE C 139 -5.93 -70.75 -45.99
CA PHE C 139 -6.62 -71.51 -44.91
C PHE C 139 -6.39 -73.01 -45.13
N GLN C 140 -6.44 -73.79 -44.05
CA GLN C 140 -6.19 -75.26 -44.06
C GLN C 140 -6.58 -75.79 -42.68
N ALA C 141 -7.68 -76.54 -42.56
CA ALA C 141 -8.30 -76.89 -41.26
C ALA C 141 -7.59 -78.07 -40.58
N ASN C 142 -6.66 -78.75 -41.27
CA ASN C 142 -5.85 -79.86 -40.70
C ASN C 142 -4.51 -79.98 -41.43
N PRO C 143 -3.44 -79.29 -40.97
CA PRO C 143 -2.09 -79.53 -41.48
C PRO C 143 -1.61 -80.96 -41.17
N ASP C 151 10.04 -75.10 -42.06
CA ASP C 151 9.81 -74.47 -40.73
C ASP C 151 10.26 -73.01 -40.77
N THR C 152 11.48 -72.74 -41.24
CA THR C 152 12.05 -71.39 -41.54
C THR C 152 11.03 -70.49 -42.25
N GLN C 153 10.26 -71.04 -43.20
CA GLN C 153 9.27 -70.28 -44.01
C GLN C 153 8.11 -69.86 -43.11
N HIS C 154 7.57 -70.78 -42.32
CA HIS C 154 6.42 -70.57 -41.40
C HIS C 154 6.76 -69.53 -40.33
N ILE C 155 7.99 -69.53 -39.82
CA ILE C 155 8.49 -68.55 -38.81
C ILE C 155 8.67 -67.19 -39.49
N GLN C 156 9.04 -67.14 -40.78
CA GLN C 156 9.13 -65.86 -41.54
C GLN C 156 7.74 -65.22 -41.65
N GLN C 157 6.76 -66.00 -42.08
CA GLN C 157 5.36 -65.53 -42.32
C GLN C 157 4.78 -65.01 -41.00
N PHE C 158 5.18 -65.62 -39.87
CA PHE C 158 4.89 -65.13 -38.49
C PHE C 158 5.42 -63.70 -38.34
N TYR C 159 6.71 -63.46 -38.59
CA TYR C 159 7.32 -62.11 -38.44
C TYR C 159 6.60 -61.12 -39.35
N ASP C 160 6.20 -61.54 -40.55
CA ASP C 160 5.54 -60.68 -41.56
C ASP C 160 4.17 -60.17 -41.04
N LEU C 161 3.33 -61.06 -40.49
CA LEU C 161 2.03 -60.73 -39.86
C LEU C 161 2.26 -59.73 -38.71
N LEU C 162 3.36 -59.85 -37.98
CA LEU C 162 3.66 -58.96 -36.84
C LEU C 162 4.07 -57.60 -37.37
N THR C 163 4.98 -57.55 -38.33
CA THR C 163 5.53 -56.26 -38.85
C THR C 163 4.41 -55.54 -39.59
N GLY C 164 3.52 -56.29 -40.24
CA GLY C 164 2.34 -55.75 -40.93
C GLY C 164 1.42 -55.02 -39.97
N SER C 165 1.19 -55.57 -38.77
CA SER C 165 0.26 -55.04 -37.74
C SER C 165 0.83 -53.78 -37.07
N MET C 166 2.13 -53.55 -37.15
CA MET C 166 2.78 -52.37 -36.52
C MET C 166 2.42 -51.11 -37.32
N GLU C 167 2.57 -51.14 -38.63
CA GLU C 167 2.20 -50.00 -39.52
C GLU C 167 0.75 -49.61 -39.23
N ILE C 168 -0.15 -50.61 -39.25
CA ILE C 168 -1.63 -50.44 -39.18
C ILE C 168 -2.04 -49.97 -37.79
N ILE C 169 -1.48 -50.54 -36.74
CA ILE C 169 -1.84 -50.17 -35.33
C ILE C 169 -1.31 -48.77 -35.05
N ARG C 170 -0.21 -48.34 -35.70
CA ARG C 170 0.24 -46.93 -35.56
C ARG C 170 -0.76 -46.03 -36.29
N GLY C 171 -1.12 -46.37 -37.53
CA GLY C 171 -2.23 -45.74 -38.27
C GLY C 171 -3.44 -45.52 -37.37
N TRP C 172 -3.93 -46.58 -36.73
CA TRP C 172 -5.10 -46.54 -35.83
C TRP C 172 -4.89 -45.44 -34.79
N ALA C 173 -3.75 -45.47 -34.13
CA ALA C 173 -3.47 -44.64 -32.93
C ALA C 173 -3.50 -43.16 -33.33
N GLU C 174 -2.86 -42.81 -34.46
CA GLU C 174 -2.74 -41.43 -34.99
C GLU C 174 -4.13 -40.85 -35.31
N LYS C 175 -5.17 -41.69 -35.45
CA LYS C 175 -6.56 -41.28 -35.76
C LYS C 175 -7.40 -41.19 -34.48
N ILE C 176 -6.82 -41.50 -33.32
CA ILE C 176 -7.46 -41.18 -32.01
C ILE C 176 -7.30 -39.68 -31.80
N PRO C 177 -8.41 -38.93 -31.61
CA PRO C 177 -8.33 -37.49 -31.38
C PRO C 177 -7.40 -37.03 -30.23
N GLY C 178 -6.34 -36.32 -30.61
CA GLY C 178 -5.38 -35.70 -29.67
C GLY C 178 -4.00 -36.32 -29.78
N PHE C 179 -3.90 -37.52 -30.32
CA PHE C 179 -2.70 -38.38 -30.18
C PHE C 179 -1.56 -37.79 -30.99
N ALA C 180 -1.85 -37.33 -32.22
CA ALA C 180 -0.82 -36.82 -33.17
C ALA C 180 -0.44 -35.37 -32.81
N ASP C 181 -1.19 -34.76 -31.90
CA ASP C 181 -0.91 -33.42 -31.31
C ASP C 181 0.13 -33.59 -30.18
N LEU C 182 0.30 -34.79 -29.62
CA LEU C 182 1.27 -35.05 -28.53
C LEU C 182 2.69 -34.86 -29.05
N PRO C 183 3.67 -34.66 -28.15
CA PRO C 183 5.09 -34.73 -28.48
C PRO C 183 5.49 -36.04 -29.19
N LYS C 184 6.17 -35.96 -30.34
CA LYS C 184 6.65 -37.14 -31.10
C LYS C 184 7.24 -38.17 -30.13
N ALA C 185 7.96 -37.72 -29.11
CA ALA C 185 8.56 -38.60 -28.09
C ALA C 185 7.44 -39.41 -27.42
N ASP C 186 6.41 -38.73 -26.90
CA ASP C 186 5.33 -39.34 -26.09
C ASP C 186 4.51 -40.30 -26.97
N GLN C 187 4.31 -39.98 -28.26
CA GLN C 187 3.64 -40.88 -29.23
C GLN C 187 4.41 -42.20 -29.27
N ASP C 188 5.72 -42.13 -29.54
CA ASP C 188 6.58 -43.33 -29.71
C ASP C 188 6.53 -44.16 -28.42
N LEU C 189 6.62 -43.52 -27.24
CA LEU C 189 6.58 -44.20 -25.92
C LEU C 189 5.24 -44.94 -25.77
N LEU C 190 4.12 -44.26 -26.05
CA LEU C 190 2.74 -44.79 -25.83
C LEU C 190 2.51 -46.00 -26.74
N PHE C 191 2.99 -45.92 -27.99
CA PHE C 191 2.89 -46.98 -29.01
C PHE C 191 3.69 -48.24 -28.60
N GLU C 192 5.00 -48.10 -28.31
CA GLU C 192 5.89 -49.24 -27.99
C GLU C 192 5.40 -49.95 -26.73
N SER C 193 4.91 -49.21 -25.72
CA SER C 193 4.42 -49.77 -24.43
C SER C 193 3.14 -50.60 -24.64
N ALA C 194 2.33 -50.30 -25.67
CA ALA C 194 0.99 -50.90 -25.87
C ALA C 194 0.90 -51.81 -27.11
N PHE C 195 1.91 -51.84 -27.98
CA PHE C 195 1.81 -52.54 -29.30
C PHE C 195 1.39 -54.00 -29.09
N LEU C 196 2.04 -54.71 -28.18
CA LEU C 196 1.77 -56.17 -27.99
C LEU C 196 0.39 -56.34 -27.36
N GLU C 197 0.01 -55.50 -26.39
CA GLU C 197 -1.32 -55.57 -25.72
C GLU C 197 -2.42 -55.37 -26.77
N LEU C 198 -2.16 -54.60 -27.82
CA LEU C 198 -3.19 -54.27 -28.86
C LEU C 198 -3.25 -55.34 -29.96
N PHE C 199 -2.13 -55.83 -30.45
CA PHE C 199 -2.07 -56.85 -31.52
C PHE C 199 -2.88 -58.08 -31.08
N VAL C 200 -2.77 -58.42 -29.80
CA VAL C 200 -3.49 -59.57 -29.18
C VAL C 200 -4.97 -59.19 -29.07
N LEU C 201 -5.29 -58.12 -28.32
CA LEU C 201 -6.68 -57.67 -28.02
C LEU C 201 -7.51 -57.63 -29.31
N ARG C 202 -7.02 -56.98 -30.36
CA ARG C 202 -7.68 -56.89 -31.69
C ARG C 202 -7.79 -58.29 -32.29
N LEU C 203 -6.68 -59.00 -32.47
CA LEU C 203 -6.71 -60.37 -33.04
C LEU C 203 -7.82 -61.19 -32.35
N ALA C 204 -7.97 -61.01 -31.03
CA ALA C 204 -8.90 -61.79 -30.18
C ALA C 204 -10.35 -61.38 -30.42
N TYR C 205 -10.60 -60.13 -30.83
CA TYR C 205 -11.97 -59.55 -30.94
C TYR C 205 -12.52 -59.81 -32.35
N ARG C 206 -11.67 -60.00 -33.35
CA ARG C 206 -12.09 -60.17 -34.77
C ARG C 206 -12.04 -61.65 -35.18
N SER C 207 -11.31 -62.50 -34.47
CA SER C 207 -11.18 -63.94 -34.82
C SER C 207 -12.48 -64.69 -34.50
N ASN C 208 -12.64 -65.88 -35.08
CA ASN C 208 -13.75 -66.83 -34.75
C ASN C 208 -13.18 -68.04 -34.02
N PRO C 209 -13.24 -68.03 -32.66
CA PRO C 209 -12.60 -69.07 -31.86
C PRO C 209 -13.39 -70.39 -31.90
N VAL C 210 -14.72 -70.28 -31.98
CA VAL C 210 -15.68 -71.41 -32.07
C VAL C 210 -15.25 -72.39 -33.17
N GLU C 211 -14.65 -71.90 -34.26
CA GLU C 211 -14.21 -72.69 -35.42
C GLU C 211 -12.67 -72.66 -35.57
N GLY C 212 -11.94 -72.23 -34.52
CA GLY C 212 -10.47 -72.20 -34.45
C GLY C 212 -9.83 -71.30 -35.50
N LYS C 213 -10.57 -70.26 -35.89
CA LYS C 213 -10.24 -69.40 -37.06
C LYS C 213 -9.65 -68.08 -36.55
N LEU C 214 -8.38 -67.84 -36.86
CA LEU C 214 -7.67 -66.58 -36.58
C LEU C 214 -7.69 -65.70 -37.84
N ILE C 215 -8.23 -64.48 -37.72
CA ILE C 215 -8.31 -63.48 -38.83
C ILE C 215 -7.38 -62.32 -38.51
N PHE C 216 -6.41 -62.02 -39.38
CA PHE C 216 -5.41 -60.94 -39.18
C PHE C 216 -5.90 -59.61 -39.78
N CYS C 217 -5.13 -58.52 -39.61
CA CYS C 217 -5.45 -57.14 -40.05
C CYS C 217 -5.65 -57.10 -41.57
N ASN C 218 -4.85 -57.86 -42.30
CA ASN C 218 -4.85 -57.90 -43.79
C ASN C 218 -5.90 -58.91 -44.30
N GLY C 219 -6.77 -59.38 -43.41
CA GLY C 219 -7.96 -60.17 -43.79
C GLY C 219 -7.64 -61.65 -44.04
N VAL C 220 -6.36 -62.04 -44.06
CA VAL C 220 -5.95 -63.47 -44.13
C VAL C 220 -6.60 -64.26 -42.98
N VAL C 221 -6.91 -65.54 -43.25
CA VAL C 221 -7.54 -66.49 -42.30
C VAL C 221 -6.66 -67.74 -42.24
N LEU C 222 -6.26 -68.13 -41.02
CA LEU C 222 -5.55 -69.41 -40.75
C LEU C 222 -6.24 -70.14 -39.59
N HIS C 223 -6.04 -71.46 -39.56
CA HIS C 223 -6.49 -72.35 -38.46
C HIS C 223 -5.38 -72.39 -37.41
N ARG C 224 -5.75 -72.37 -36.14
CA ARG C 224 -4.80 -72.40 -34.98
C ARG C 224 -3.62 -73.31 -35.30
N LEU C 225 -3.86 -74.45 -35.97
CA LEU C 225 -2.85 -75.52 -36.15
C LEU C 225 -1.86 -75.11 -37.24
N GLN C 226 -2.22 -74.19 -38.13
CA GLN C 226 -1.26 -73.59 -39.10
C GLN C 226 -0.34 -72.64 -38.36
N CYS C 227 -0.92 -71.84 -37.45
CA CYS C 227 -0.29 -70.75 -36.66
C CYS C 227 0.74 -71.32 -35.67
N VAL C 228 0.46 -72.49 -35.07
CA VAL C 228 1.31 -73.14 -34.04
C VAL C 228 2.77 -73.22 -34.53
N ARG C 229 3.01 -73.37 -35.82
CA ARG C 229 4.39 -73.52 -36.36
C ARG C 229 5.20 -72.24 -36.07
N GLY C 230 4.54 -71.06 -36.02
CA GLY C 230 5.18 -69.75 -35.82
C GLY C 230 5.01 -69.21 -34.41
N PHE C 231 3.76 -69.12 -33.94
CA PHE C 231 3.35 -68.56 -32.61
C PHE C 231 3.79 -69.47 -31.45
N GLY C 232 3.93 -70.76 -31.71
CA GLY C 232 4.08 -71.79 -30.66
C GLY C 232 2.75 -72.05 -29.99
N GLU C 233 2.77 -72.63 -28.79
CA GLU C 233 1.55 -72.96 -28.02
C GLU C 233 0.91 -71.67 -27.51
N TRP C 234 1.62 -70.54 -27.59
CA TRP C 234 1.05 -69.19 -27.32
C TRP C 234 -0.34 -69.08 -27.98
N ILE C 235 -0.47 -69.57 -29.20
CA ILE C 235 -1.72 -69.40 -29.99
C ILE C 235 -2.92 -70.01 -29.26
N ASP C 236 -2.73 -71.16 -28.60
CA ASP C 236 -3.81 -71.86 -27.85
C ASP C 236 -4.27 -70.91 -26.73
N SER C 237 -3.33 -70.24 -26.08
CA SER C 237 -3.60 -69.22 -25.02
C SER C 237 -4.35 -68.04 -25.65
N ILE C 238 -4.05 -67.67 -26.90
CA ILE C 238 -4.73 -66.55 -27.61
C ILE C 238 -6.20 -66.92 -27.90
N VAL C 239 -6.45 -68.13 -28.42
CA VAL C 239 -7.83 -68.56 -28.76
C VAL C 239 -8.69 -68.63 -27.48
N GLU C 240 -8.11 -69.06 -26.36
CA GLU C 240 -8.82 -69.16 -25.05
C GLU C 240 -9.30 -67.76 -24.64
N PHE C 241 -8.39 -66.77 -24.73
CA PHE C 241 -8.69 -65.37 -24.39
C PHE C 241 -9.89 -64.94 -25.24
N SER C 242 -9.77 -65.17 -26.55
CA SER C 242 -10.75 -64.77 -27.58
C SER C 242 -12.13 -65.33 -27.24
N SER C 243 -12.19 -66.62 -26.91
CA SER C 243 -13.41 -67.28 -26.35
C SER C 243 -14.02 -66.42 -25.24
N ASN C 244 -13.28 -66.22 -24.14
CA ASN C 244 -13.74 -65.46 -22.95
C ASN C 244 -14.30 -64.10 -23.39
N LEU C 245 -13.49 -63.37 -24.18
CA LEU C 245 -13.72 -61.94 -24.54
C LEU C 245 -15.02 -61.83 -25.33
N GLN C 246 -15.23 -62.72 -26.31
CA GLN C 246 -16.40 -62.72 -27.23
C GLN C 246 -17.65 -63.17 -26.47
N ASN C 247 -17.48 -63.99 -25.42
CA ASN C 247 -18.60 -64.50 -24.61
C ASN C 247 -19.15 -63.39 -23.69
N MET C 248 -18.58 -62.18 -23.70
CA MET C 248 -19.13 -60.99 -22.99
C MET C 248 -19.99 -60.14 -23.93
N ASN C 249 -20.00 -60.42 -25.23
CA ASN C 249 -20.76 -59.64 -26.25
C ASN C 249 -20.52 -58.15 -26.01
N ILE C 250 -19.32 -57.68 -26.34
CA ILE C 250 -18.88 -56.26 -26.32
C ILE C 250 -19.19 -55.61 -27.69
N ASP C 251 -20.15 -54.69 -27.72
CA ASP C 251 -20.55 -53.95 -28.95
C ASP C 251 -19.39 -53.06 -29.38
N ILE C 252 -19.27 -52.79 -30.68
CA ILE C 252 -18.09 -52.11 -31.30
C ILE C 252 -17.79 -50.73 -30.65
N SER C 253 -18.80 -49.96 -30.23
CA SER C 253 -18.59 -48.62 -29.65
C SER C 253 -17.79 -48.75 -28.34
N ALA C 254 -18.05 -49.79 -27.57
CA ALA C 254 -17.37 -50.05 -26.28
C ALA C 254 -15.96 -50.61 -26.53
N PHE C 255 -15.81 -51.58 -27.43
CA PHE C 255 -14.47 -52.12 -27.77
C PHE C 255 -13.60 -50.98 -28.26
N SER C 256 -14.16 -50.13 -29.14
CA SER C 256 -13.46 -48.96 -29.75
C SER C 256 -12.80 -48.10 -28.66
N CYS C 257 -13.45 -47.96 -27.49
CA CYS C 257 -12.95 -47.18 -26.33
C CYS C 257 -11.93 -47.97 -25.52
N ILE C 258 -12.19 -49.25 -25.25
CA ILE C 258 -11.27 -50.17 -24.50
C ILE C 258 -9.90 -50.15 -25.20
N ALA C 259 -9.88 -50.28 -26.53
CA ALA C 259 -8.62 -50.33 -27.30
C ALA C 259 -7.87 -49.00 -27.11
N ALA C 260 -8.62 -47.89 -27.11
CA ALA C 260 -8.07 -46.54 -26.91
C ALA C 260 -7.47 -46.43 -25.49
N LEU C 261 -8.19 -46.88 -24.47
CA LEU C 261 -7.73 -46.81 -23.05
C LEU C 261 -6.47 -47.66 -22.87
N ALA C 262 -6.28 -48.69 -23.69
CA ALA C 262 -5.10 -49.58 -23.66
C ALA C 262 -3.84 -48.80 -24.07
N MET C 263 -3.97 -47.87 -25.03
CA MET C 263 -2.85 -47.14 -25.69
C MET C 263 -2.60 -45.81 -24.97
N VAL C 264 -3.65 -44.96 -24.92
CA VAL C 264 -3.67 -43.62 -24.27
C VAL C 264 -3.74 -43.82 -22.75
N THR C 265 -2.61 -43.99 -22.10
CA THR C 265 -2.48 -44.33 -20.67
C THR C 265 -1.19 -43.69 -20.13
N GLU C 266 -1.10 -43.52 -18.82
CA GLU C 266 0.09 -42.93 -18.13
C GLU C 266 1.24 -43.94 -18.27
N ARG C 267 2.45 -43.46 -18.58
CA ARG C 267 3.68 -44.27 -18.69
C ARG C 267 4.88 -43.49 -18.16
N HIS C 268 5.86 -44.19 -17.59
CA HIS C 268 7.15 -43.62 -17.09
C HIS C 268 7.96 -43.07 -18.28
N GLY C 269 8.26 -41.77 -18.26
CA GLY C 269 9.08 -41.09 -19.29
C GLY C 269 8.29 -40.06 -20.07
N LEU C 270 6.99 -39.97 -19.88
CA LEU C 270 6.12 -39.06 -20.66
C LEU C 270 6.58 -37.64 -20.33
N LYS C 271 6.96 -36.85 -21.35
CA LYS C 271 7.28 -35.42 -21.21
C LYS C 271 6.04 -34.66 -20.70
N GLU C 272 4.85 -34.99 -21.19
CA GLU C 272 3.58 -34.27 -20.88
C GLU C 272 2.51 -35.27 -20.43
N PRO C 273 2.61 -35.78 -19.18
CA PRO C 273 1.61 -36.71 -18.64
C PRO C 273 0.19 -36.12 -18.56
N LYS C 274 -0.03 -35.00 -17.85
CA LYS C 274 -1.38 -34.41 -17.60
C LYS C 274 -2.23 -34.46 -18.88
N ARG C 275 -1.64 -34.10 -20.03
CA ARG C 275 -2.35 -34.10 -21.33
C ARG C 275 -2.87 -35.51 -21.58
N VAL C 276 -1.97 -36.50 -21.52
CA VAL C 276 -2.26 -37.95 -21.69
C VAL C 276 -3.35 -38.36 -20.66
N GLU C 277 -3.21 -37.92 -19.41
CA GLU C 277 -4.15 -38.23 -18.30
C GLU C 277 -5.55 -37.68 -18.63
N GLU C 278 -5.63 -36.43 -19.09
CA GLU C 278 -6.93 -35.74 -19.39
C GLU C 278 -7.58 -36.42 -20.60
N LEU C 279 -6.79 -36.93 -21.54
CA LEU C 279 -7.30 -37.57 -22.78
C LEU C 279 -7.87 -38.94 -22.43
N GLN C 280 -7.14 -39.72 -21.64
CA GLN C 280 -7.62 -41.00 -21.06
C GLN C 280 -8.96 -40.73 -20.39
N ASN C 281 -9.04 -39.64 -19.63
CA ASN C 281 -10.24 -39.29 -18.82
C ASN C 281 -11.45 -39.03 -19.74
N LYS C 282 -11.28 -38.30 -20.85
CA LYS C 282 -12.35 -38.08 -21.85
C LYS C 282 -12.88 -39.44 -22.30
N ILE C 283 -11.99 -40.31 -22.80
CA ILE C 283 -12.32 -41.64 -23.40
C ILE C 283 -13.13 -42.49 -22.41
N VAL C 284 -12.79 -42.47 -21.12
CA VAL C 284 -13.48 -43.27 -20.07
C VAL C 284 -14.93 -42.79 -20.03
N ASN C 285 -15.15 -41.48 -19.81
CA ASN C 285 -16.49 -40.84 -19.68
C ASN C 285 -17.29 -41.06 -20.98
N CYS C 286 -16.58 -41.11 -22.09
CA CYS C 286 -17.09 -41.48 -23.44
C CYS C 286 -17.70 -42.89 -23.40
N LEU C 287 -16.95 -43.86 -22.86
CA LEU C 287 -17.33 -45.29 -22.73
C LEU C 287 -18.49 -45.44 -21.74
N LYS C 288 -18.49 -44.67 -20.65
CA LYS C 288 -19.53 -44.71 -19.57
C LYS C 288 -20.87 -44.29 -20.18
N ASP C 289 -20.90 -43.08 -20.78
CA ASP C 289 -22.10 -42.48 -21.41
C ASP C 289 -22.76 -43.51 -22.33
N HIS C 290 -21.96 -44.25 -23.12
CA HIS C 290 -22.49 -45.25 -24.09
C HIS C 290 -23.16 -46.41 -23.35
N VAL C 291 -22.50 -47.00 -22.35
CA VAL C 291 -22.99 -48.26 -21.70
C VAL C 291 -24.27 -47.93 -20.90
N THR C 292 -24.30 -46.80 -20.20
CA THR C 292 -25.47 -46.42 -19.38
C THR C 292 -26.60 -45.90 -20.28
N PHE C 293 -26.33 -45.45 -21.51
CA PHE C 293 -27.40 -44.88 -22.40
C PHE C 293 -27.64 -45.79 -23.64
N ASN C 294 -27.43 -47.12 -23.50
CA ASN C 294 -28.10 -48.16 -24.33
C ASN C 294 -29.08 -48.93 -23.40
N ASN C 295 -28.53 -49.41 -22.27
CA ASN C 295 -29.25 -50.13 -21.18
C ASN C 295 -28.50 -49.85 -19.86
N GLY C 296 -29.05 -49.01 -18.98
CA GLY C 296 -28.46 -48.68 -17.66
C GLY C 296 -28.79 -49.74 -16.61
N ASN C 302 -21.61 -54.03 -13.51
CA ASN C 302 -20.69 -55.19 -13.62
C ASN C 302 -19.69 -55.00 -14.77
N TYR C 303 -20.05 -54.26 -15.83
CA TYR C 303 -19.35 -54.22 -17.14
C TYR C 303 -17.85 -53.93 -16.97
N LEU C 304 -17.57 -52.74 -16.46
CA LEU C 304 -16.21 -52.20 -16.26
C LEU C 304 -15.39 -53.20 -15.42
N SER C 305 -15.99 -53.69 -14.32
CA SER C 305 -15.42 -54.73 -13.42
C SER C 305 -14.99 -55.96 -14.21
N LYS C 306 -15.85 -56.50 -15.08
CA LYS C 306 -15.63 -57.80 -15.78
C LYS C 306 -14.51 -57.63 -16.78
N LEU C 307 -14.42 -56.41 -17.31
CA LEU C 307 -13.48 -55.99 -18.39
C LEU C 307 -12.06 -55.96 -17.84
N LEU C 308 -11.88 -55.28 -16.70
CA LEU C 308 -10.63 -55.15 -15.92
C LEU C 308 -10.27 -56.50 -15.26
N GLY C 309 -11.23 -57.42 -15.14
CA GLY C 309 -11.01 -58.80 -14.67
C GLY C 309 -10.15 -59.59 -15.65
N LYS C 310 -10.15 -59.17 -16.91
CA LYS C 310 -9.46 -59.80 -18.07
C LYS C 310 -8.10 -59.12 -18.31
N LEU C 311 -7.91 -57.87 -17.85
CA LEU C 311 -6.68 -57.10 -18.13
C LEU C 311 -5.47 -57.75 -17.46
N PRO C 312 -5.58 -58.45 -16.31
CA PRO C 312 -4.51 -59.35 -15.85
C PRO C 312 -4.22 -60.55 -16.77
N GLU C 313 -5.23 -61.19 -17.36
CA GLU C 313 -5.02 -62.35 -18.29
C GLU C 313 -4.23 -61.86 -19.52
N LEU C 314 -4.51 -60.63 -19.95
CA LEU C 314 -3.91 -59.97 -21.14
C LEU C 314 -2.40 -59.79 -20.89
N ARG C 315 -2.05 -59.28 -19.71
CA ARG C 315 -0.63 -59.04 -19.34
C ARG C 315 0.08 -60.41 -19.36
N THR C 316 -0.58 -61.48 -18.88
CA THR C 316 0.00 -62.86 -18.86
C THR C 316 0.19 -63.37 -20.29
N LEU C 317 -0.80 -63.15 -21.13
CA LEU C 317 -0.76 -63.45 -22.58
C LEU C 317 0.47 -62.80 -23.20
N CYS C 318 0.73 -61.53 -22.85
CA CYS C 318 1.81 -60.74 -23.48
C CYS C 318 3.20 -61.34 -23.15
N THR C 319 3.44 -61.61 -21.87
CA THR C 319 4.71 -62.22 -21.43
C THR C 319 4.89 -63.53 -22.22
N GLN C 320 3.82 -64.33 -22.39
CA GLN C 320 3.86 -65.61 -23.14
C GLN C 320 4.41 -65.35 -24.56
N GLY C 321 3.96 -64.23 -25.18
CA GLY C 321 4.50 -63.74 -26.46
C GLY C 321 6.02 -63.53 -26.39
N LEU C 322 6.50 -62.79 -25.37
CA LEU C 322 7.94 -62.47 -25.17
C LEU C 322 8.74 -63.76 -25.00
N GLN C 323 8.24 -64.71 -24.22
CA GLN C 323 8.86 -66.05 -24.02
C GLN C 323 9.14 -66.66 -25.40
N ARG C 324 8.19 -66.57 -26.32
CA ARG C 324 8.29 -67.12 -27.69
C ARG C 324 9.39 -66.41 -28.49
N ILE C 325 9.51 -65.08 -28.42
CA ILE C 325 10.54 -64.34 -29.21
C ILE C 325 11.94 -64.68 -28.66
N PHE C 326 12.08 -64.76 -27.33
CA PHE C 326 13.34 -65.19 -26.64
C PHE C 326 13.75 -66.60 -27.11
N TYR C 327 12.79 -67.52 -27.17
CA TYR C 327 12.99 -68.91 -27.65
C TYR C 327 13.56 -68.88 -29.06
N LEU C 328 12.96 -68.10 -29.96
CA LEU C 328 13.38 -68.00 -31.40
C LEU C 328 14.74 -67.32 -31.51
N LYS C 329 15.03 -66.35 -30.63
CA LYS C 329 16.35 -65.65 -30.56
C LYS C 329 17.43 -66.70 -30.26
N LEU C 330 17.25 -67.41 -29.15
CA LEU C 330 18.19 -68.41 -28.58
C LEU C 330 18.33 -69.63 -29.50
N GLU C 331 17.25 -70.04 -30.19
CA GLU C 331 17.28 -71.15 -31.19
C GLU C 331 18.21 -70.74 -32.35
N ASP C 332 18.25 -69.43 -32.67
CA ASP C 332 19.12 -68.84 -33.72
C ASP C 332 18.90 -69.57 -35.06
N LEU C 333 17.68 -70.04 -35.33
CA LEU C 333 17.30 -70.79 -36.56
C LEU C 333 16.89 -69.81 -37.68
N VAL C 334 15.97 -68.88 -37.38
CA VAL C 334 15.83 -67.58 -38.07
C VAL C 334 15.56 -66.56 -36.97
N PRO C 335 16.43 -65.54 -36.83
CA PRO C 335 16.40 -64.66 -35.66
C PRO C 335 15.37 -63.56 -35.85
N PRO C 336 14.52 -63.27 -34.84
CA PRO C 336 13.61 -62.13 -34.91
C PRO C 336 14.33 -60.84 -35.32
N PRO C 337 13.83 -60.04 -36.28
CA PRO C 337 14.43 -58.74 -36.59
C PRO C 337 14.36 -57.80 -35.38
N ALA C 338 15.32 -56.87 -35.29
CA ALA C 338 15.49 -55.94 -34.15
C ALA C 338 14.13 -55.38 -33.70
N ILE C 339 13.37 -54.85 -34.66
CA ILE C 339 12.08 -54.14 -34.42
C ILE C 339 11.12 -55.02 -33.62
N ILE C 340 11.05 -56.32 -33.93
CA ILE C 340 10.23 -57.32 -33.18
C ILE C 340 10.81 -57.42 -31.77
N ASP C 341 12.09 -57.79 -31.67
CA ASP C 341 12.80 -57.98 -30.39
C ASP C 341 12.51 -56.78 -29.49
N LYS C 342 12.68 -55.56 -30.02
CA LYS C 342 12.48 -54.28 -29.31
C LYS C 342 11.07 -54.25 -28.72
N LEU C 343 10.05 -54.51 -29.54
CA LEU C 343 8.63 -54.21 -29.16
C LEU C 343 8.04 -55.31 -28.29
N PHE C 344 8.70 -56.46 -28.17
CA PHE C 344 8.26 -57.56 -27.27
C PHE C 344 8.90 -57.32 -25.89
N LEU C 345 10.16 -56.85 -25.85
CA LEU C 345 10.88 -56.49 -24.59
C LEU C 345 10.22 -55.28 -23.93
N ASP C 346 9.49 -54.48 -24.70
CA ASP C 346 8.95 -53.16 -24.29
C ASP C 346 7.56 -53.29 -23.63
N THR C 347 7.08 -54.48 -23.26
CA THR C 347 5.87 -54.67 -22.39
C THR C 347 6.28 -55.05 -20.96
N LEU C 348 7.55 -54.86 -20.59
CA LEU C 348 8.04 -54.83 -19.19
C LEU C 348 8.34 -53.37 -18.83
N PRO C 349 8.18 -52.96 -17.57
CA PRO C 349 8.43 -51.56 -17.17
C PRO C 349 9.66 -50.86 -17.77
N PHE C 350 9.47 -49.68 -18.38
CA PHE C 350 10.46 -48.89 -19.16
C PHE C 350 10.68 -49.56 -20.52
N CYS D 15 -50.37 -41.91 -40.01
CA CYS D 15 -50.38 -41.95 -41.52
C CYS D 15 -51.11 -40.74 -42.10
N ALA D 16 -50.39 -39.92 -42.87
CA ALA D 16 -50.88 -38.64 -43.46
C ALA D 16 -52.07 -38.90 -44.40
N VAL D 17 -52.12 -40.07 -45.06
CA VAL D 17 -53.19 -40.43 -46.05
C VAL D 17 -54.40 -41.00 -45.29
N CYS D 18 -54.28 -42.22 -44.77
CA CYS D 18 -55.41 -43.07 -44.29
C CYS D 18 -55.58 -43.02 -42.77
N GLY D 19 -54.63 -42.44 -42.03
CA GLY D 19 -54.68 -42.33 -40.57
C GLY D 19 -54.31 -43.63 -39.84
N ASP D 20 -54.04 -44.73 -40.56
CA ASP D 20 -53.56 -46.04 -40.01
C ASP D 20 -52.22 -45.79 -39.28
N ASN D 21 -51.72 -46.80 -38.56
CA ASN D 21 -50.38 -46.80 -37.91
C ASN D 21 -49.30 -46.55 -38.97
N ALA D 22 -48.41 -45.58 -38.69
CA ALA D 22 -47.23 -45.24 -39.52
C ALA D 22 -45.98 -45.24 -38.65
N ALA D 23 -44.94 -45.92 -39.11
CA ALA D 23 -43.68 -46.19 -38.37
C ALA D 23 -42.48 -45.94 -39.29
N CYS D 24 -42.52 -44.87 -40.08
CA CYS D 24 -41.48 -44.56 -41.11
C CYS D 24 -42.00 -43.51 -42.10
N GLN D 25 -41.11 -43.02 -42.96
CA GLN D 25 -41.42 -42.11 -44.08
C GLN D 25 -41.22 -42.90 -45.38
N HIS D 26 -42.20 -42.89 -46.29
CA HIS D 26 -42.11 -43.51 -47.63
C HIS D 26 -42.47 -42.47 -48.71
N TYR D 27 -41.58 -42.27 -49.68
CA TYR D 27 -41.76 -41.34 -50.82
C TYR D 27 -42.04 -39.92 -50.31
N GLY D 28 -41.57 -39.55 -49.11
CA GLY D 28 -41.55 -38.16 -48.60
C GLY D 28 -42.45 -37.93 -47.40
N VAL D 29 -43.49 -38.76 -47.22
CA VAL D 29 -44.53 -38.55 -46.19
C VAL D 29 -44.52 -39.71 -45.18
N ARG D 30 -44.98 -39.43 -43.96
CA ARG D 30 -45.35 -40.44 -42.94
C ARG D 30 -46.57 -41.23 -43.43
N THR D 31 -46.42 -42.52 -43.74
CA THR D 31 -47.46 -43.36 -44.40
C THR D 31 -47.40 -44.80 -43.90
N CYS D 32 -48.56 -45.48 -43.87
CA CYS D 32 -48.77 -46.92 -43.53
C CYS D 32 -48.18 -47.79 -44.64
N GLU D 33 -47.94 -49.09 -44.39
CA GLU D 33 -47.34 -50.01 -45.39
C GLU D 33 -48.29 -50.12 -46.59
N GLY D 34 -49.59 -49.91 -46.36
CA GLY D 34 -50.65 -50.03 -47.38
C GLY D 34 -50.54 -48.94 -48.44
N CYS D 35 -50.66 -47.68 -48.00
CA CYS D 35 -50.61 -46.47 -48.87
C CYS D 35 -49.23 -46.40 -49.56
N LYS D 36 -48.18 -46.90 -48.89
CA LYS D 36 -46.85 -47.10 -49.48
C LYS D 36 -47.01 -48.00 -50.72
N GLY D 37 -47.47 -49.24 -50.49
CA GLY D 37 -47.65 -50.22 -51.57
C GLY D 37 -48.50 -49.69 -52.71
N PHE D 38 -49.60 -49.00 -52.39
CA PHE D 38 -50.57 -48.51 -53.39
C PHE D 38 -49.88 -47.49 -54.31
N PHE D 39 -49.19 -46.52 -53.70
CA PHE D 39 -48.45 -45.44 -54.41
C PHE D 39 -47.39 -46.05 -55.34
N LYS D 40 -46.53 -46.91 -54.80
CA LYS D 40 -45.46 -47.58 -55.58
C LYS D 40 -46.09 -48.17 -56.86
N ARG D 41 -47.09 -49.03 -56.70
CA ARG D 41 -47.71 -49.82 -57.80
C ARG D 41 -48.36 -48.87 -58.81
N THR D 42 -49.13 -47.87 -58.34
CA THR D 42 -49.75 -46.83 -59.20
C THR D 42 -48.70 -46.33 -60.21
N VAL D 43 -47.63 -45.74 -59.69
CA VAL D 43 -46.59 -44.99 -60.46
C VAL D 43 -45.81 -45.95 -61.37
N GLN D 44 -45.55 -47.18 -60.94
CA GLN D 44 -44.79 -48.17 -61.74
C GLN D 44 -45.54 -48.49 -63.04
N LYS D 45 -46.87 -48.34 -63.06
CA LYS D 45 -47.78 -48.75 -64.18
C LYS D 45 -48.33 -47.53 -64.93
N ASN D 46 -48.10 -46.30 -64.42
CA ASN D 46 -48.70 -45.02 -64.93
C ASN D 46 -50.22 -45.05 -64.80
N ALA D 47 -50.77 -46.00 -64.03
CA ALA D 47 -52.21 -46.34 -63.92
C ALA D 47 -53.04 -45.09 -63.65
N LYS D 48 -54.21 -45.00 -64.29
CA LYS D 48 -55.16 -43.86 -64.17
C LYS D 48 -56.52 -44.38 -63.68
N TYR D 49 -57.13 -43.67 -62.72
CA TYR D 49 -58.31 -44.11 -61.94
C TYR D 49 -59.51 -43.20 -62.23
N VAL D 50 -60.71 -43.72 -61.96
CA VAL D 50 -62.05 -43.22 -62.42
C VAL D 50 -62.97 -43.11 -61.21
N CYS D 51 -63.22 -41.89 -60.73
CA CYS D 51 -64.08 -41.57 -59.57
C CYS D 51 -65.57 -41.81 -59.89
N LEU D 52 -66.31 -42.43 -58.97
CA LEU D 52 -67.77 -42.73 -59.12
C LEU D 52 -68.61 -41.77 -58.26
N ALA D 53 -68.26 -40.48 -58.23
CA ALA D 53 -68.91 -39.43 -57.39
C ALA D 53 -68.35 -38.04 -57.78
N ASN D 54 -68.08 -37.17 -56.80
CA ASN D 54 -67.74 -35.74 -57.01
C ASN D 54 -66.22 -35.54 -57.01
N LYS D 55 -65.44 -36.61 -56.89
CA LYS D 55 -63.97 -36.60 -56.65
C LYS D 55 -63.72 -36.08 -55.23
N ASN D 56 -64.41 -36.68 -54.25
CA ASN D 56 -64.35 -36.28 -52.82
C ASN D 56 -64.81 -37.45 -51.93
N CYS D 57 -64.60 -38.71 -52.35
CA CYS D 57 -64.87 -39.92 -51.53
C CYS D 57 -64.17 -39.78 -50.18
N PRO D 58 -64.75 -40.29 -49.07
CA PRO D 58 -64.01 -40.42 -47.82
C PRO D 58 -62.84 -41.41 -47.94
N VAL D 59 -61.65 -41.02 -47.46
CA VAL D 59 -60.42 -41.86 -47.44
C VAL D 59 -59.86 -41.89 -46.01
N ASP D 60 -60.16 -42.98 -45.30
CA ASP D 60 -59.66 -43.28 -43.93
C ASP D 60 -59.44 -44.79 -43.85
N LYS D 61 -59.14 -45.30 -42.65
CA LYS D 61 -58.47 -46.61 -42.42
C LYS D 61 -59.28 -47.76 -43.05
N ARG D 62 -60.62 -47.69 -43.02
CA ARG D 62 -61.49 -48.80 -43.50
C ARG D 62 -61.94 -48.53 -44.94
N ARG D 63 -62.34 -47.29 -45.24
CA ARG D 63 -62.93 -46.90 -46.56
C ARG D 63 -61.87 -46.36 -47.54
N ARG D 64 -60.60 -46.77 -47.39
CA ARG D 64 -59.50 -46.32 -48.32
C ARG D 64 -59.52 -47.12 -49.63
N ASN D 65 -59.81 -48.43 -49.57
CA ASN D 65 -59.61 -49.35 -50.71
C ASN D 65 -60.72 -49.23 -51.76
N ARG D 66 -61.70 -48.35 -51.55
CA ARG D 66 -62.92 -48.27 -52.40
C ARG D 66 -62.64 -47.40 -53.63
N CYS D 67 -62.67 -46.07 -53.50
CA CYS D 67 -62.34 -45.14 -54.61
C CYS D 67 -60.82 -45.02 -54.77
N GLN D 68 -60.24 -45.84 -55.66
CA GLN D 68 -58.80 -45.82 -56.02
C GLN D 68 -58.38 -44.41 -56.42
N TYR D 69 -59.15 -43.74 -57.29
CA TYR D 69 -58.85 -42.37 -57.79
C TYR D 69 -58.63 -41.44 -56.59
N CYS D 70 -59.50 -41.51 -55.59
CA CYS D 70 -59.56 -40.54 -54.46
C CYS D 70 -58.40 -40.80 -53.49
N ARG D 71 -57.98 -42.07 -53.33
CA ARG D 71 -56.83 -42.45 -52.46
C ARG D 71 -55.53 -41.84 -53.04
N PHE D 72 -55.29 -42.03 -54.34
CA PHE D 72 -54.06 -41.58 -55.07
C PHE D 72 -54.03 -40.06 -55.25
N GLN D 73 -55.18 -39.39 -55.08
CA GLN D 73 -55.29 -37.91 -55.15
C GLN D 73 -54.86 -37.34 -53.79
N LYS D 74 -55.20 -38.04 -52.69
CA LYS D 74 -54.89 -37.62 -51.29
C LYS D 74 -53.41 -37.92 -50.98
N CYS D 75 -52.92 -39.08 -51.40
CA CYS D 75 -51.46 -39.43 -51.42
C CYS D 75 -50.69 -38.20 -51.95
N LEU D 76 -50.94 -37.83 -53.21
CA LEU D 76 -50.28 -36.72 -53.95
C LEU D 76 -50.37 -35.39 -53.17
N ALA D 77 -51.50 -35.14 -52.50
CA ALA D 77 -51.82 -33.87 -51.78
C ALA D 77 -50.91 -33.66 -50.57
N VAL D 78 -50.82 -34.63 -49.66
CA VAL D 78 -50.05 -34.49 -48.38
C VAL D 78 -48.54 -34.53 -48.68
N GLY D 79 -48.13 -34.80 -49.92
CA GLY D 79 -46.78 -34.48 -50.45
C GLY D 79 -45.99 -35.66 -51.01
N MET D 80 -46.59 -36.85 -51.17
CA MET D 80 -45.88 -38.03 -51.74
C MET D 80 -45.36 -37.65 -53.16
N VAL D 81 -44.26 -38.27 -53.58
CA VAL D 81 -43.34 -37.76 -54.67
C VAL D 81 -43.18 -38.80 -55.78
N LYS D 82 -43.95 -38.69 -56.87
CA LYS D 82 -43.87 -39.63 -58.03
C LYS D 82 -42.41 -39.99 -58.31
N GLU D 83 -41.52 -38.98 -58.28
CA GLU D 83 -40.13 -39.07 -58.80
C GLU D 83 -39.32 -40.11 -58.01
N VAL D 84 -39.59 -40.27 -56.69
CA VAL D 84 -38.80 -41.14 -55.77
C VAL D 84 -38.93 -42.59 -56.24
N VAL D 85 -40.11 -43.03 -56.68
CA VAL D 85 -40.34 -44.38 -57.27
C VAL D 85 -39.35 -44.57 -58.43
N ARG D 86 -38.57 -45.65 -58.40
CA ARG D 86 -37.37 -45.81 -59.26
C ARG D 86 -37.80 -46.51 -60.56
N THR D 87 -37.22 -46.11 -61.69
CA THR D 87 -37.58 -46.57 -63.07
C THR D 87 -36.33 -46.49 -63.96
N ASP D 88 -36.40 -47.09 -65.15
CA ASP D 88 -35.35 -46.97 -66.19
C ASP D 88 -34.06 -47.62 -65.68
N SER D 89 -32.95 -46.85 -65.56
CA SER D 89 -31.63 -47.29 -65.05
C SER D 89 -31.72 -47.78 -63.60
N LEU D 90 -32.55 -47.16 -62.76
CA LEU D 90 -32.66 -47.49 -61.32
C LEU D 90 -33.81 -48.48 -61.04
N LYS D 91 -34.35 -49.15 -62.05
CA LYS D 91 -35.34 -50.24 -61.86
C LYS D 91 -34.72 -51.34 -61.00
N GLY D 92 -35.49 -51.91 -60.07
CA GLY D 92 -35.13 -53.11 -59.29
C GLY D 92 -33.86 -52.91 -58.47
N ARG D 93 -33.58 -51.68 -58.04
CA ARG D 93 -32.40 -51.32 -57.22
C ARG D 93 -32.90 -50.96 -55.82
N ARG D 94 -32.62 -51.78 -54.79
CA ARG D 94 -33.16 -51.60 -53.41
C ARG D 94 -32.22 -50.76 -52.53
N GLY D 95 -32.66 -50.45 -51.31
CA GLY D 95 -31.85 -49.78 -50.27
C GLY D 95 -31.55 -48.32 -50.60
N ARG D 96 -31.04 -47.58 -49.60
CA ARG D 96 -30.66 -46.15 -49.76
C ARG D 96 -29.55 -46.07 -50.81
N LEU D 97 -29.48 -44.96 -51.56
CA LEU D 97 -28.46 -44.71 -52.63
C LEU D 97 -27.25 -44.03 -52.00
N PRO D 98 -26.04 -44.14 -52.61
CA PRO D 98 -24.86 -43.45 -52.08
C PRO D 98 -24.88 -41.96 -52.45
N PRO D 113 -21.76 -31.76 -29.20
CA PRO D 113 -20.47 -31.04 -29.07
C PRO D 113 -20.56 -29.61 -29.61
N VAL D 114 -20.06 -28.61 -28.87
CA VAL D 114 -20.10 -27.16 -29.25
C VAL D 114 -18.88 -26.82 -30.11
N SER D 115 -19.05 -26.08 -31.22
CA SER D 115 -17.94 -25.64 -32.11
C SER D 115 -16.97 -24.76 -31.29
N LEU D 116 -15.69 -24.77 -31.63
CA LEU D 116 -14.67 -23.96 -30.91
C LEU D 116 -15.09 -22.48 -30.98
N ILE D 117 -15.31 -21.96 -32.20
CA ILE D 117 -15.66 -20.51 -32.39
C ILE D 117 -16.84 -20.15 -31.47
N SER D 118 -17.86 -21.01 -31.39
CA SER D 118 -19.06 -20.75 -30.54
C SER D 118 -18.65 -20.58 -29.07
N ALA D 119 -17.83 -21.48 -28.55
CA ALA D 119 -17.35 -21.43 -27.15
C ALA D 119 -16.59 -20.12 -26.90
N LEU D 120 -15.72 -19.74 -27.82
CA LEU D 120 -14.87 -18.54 -27.65
C LEU D 120 -15.79 -17.32 -27.56
N VAL D 121 -16.90 -17.34 -28.29
CA VAL D 121 -17.89 -16.23 -28.32
C VAL D 121 -18.70 -16.26 -27.01
N ARG D 122 -19.15 -17.46 -26.60
CA ARG D 122 -19.96 -17.67 -25.37
C ARG D 122 -19.17 -17.12 -24.19
N ALA D 123 -17.87 -17.41 -24.13
CA ALA D 123 -16.96 -17.03 -23.03
C ALA D 123 -16.80 -15.52 -22.98
N HIS D 124 -16.76 -14.87 -24.14
CA HIS D 124 -16.68 -13.40 -24.26
C HIS D 124 -17.99 -12.78 -23.75
N VAL D 125 -19.12 -13.37 -24.13
CA VAL D 125 -20.45 -12.75 -23.88
C VAL D 125 -20.82 -12.87 -22.40
N ASP D 126 -20.55 -14.01 -21.78
CA ASP D 126 -20.93 -14.30 -20.38
C ASP D 126 -20.06 -13.48 -19.40
N SER D 127 -18.96 -12.86 -19.87
CA SER D 127 -17.93 -12.20 -19.01
C SER D 127 -17.95 -10.68 -19.14
N ASN D 128 -18.73 -10.11 -20.08
CA ASN D 128 -18.85 -8.63 -20.21
C ASN D 128 -20.21 -8.17 -19.71
N PRO D 129 -20.39 -6.89 -19.34
CA PRO D 129 -21.66 -6.40 -18.80
C PRO D 129 -22.65 -5.98 -19.89
N ALA D 130 -23.95 -6.09 -19.60
CA ALA D 130 -25.08 -5.70 -20.48
C ALA D 130 -24.97 -4.20 -20.78
N MET D 131 -24.66 -3.85 -22.03
CA MET D 131 -24.38 -2.45 -22.49
C MET D 131 -25.65 -1.59 -22.40
N THR D 132 -26.81 -2.25 -22.34
CA THR D 132 -28.15 -1.62 -22.22
C THR D 132 -28.41 -1.21 -20.76
N SER D 133 -27.54 -1.59 -19.81
CA SER D 133 -27.68 -1.26 -18.36
C SER D 133 -26.30 -1.18 -17.69
N LEU D 134 -25.61 -0.07 -17.93
CA LEU D 134 -24.29 0.26 -17.34
C LEU D 134 -24.50 1.03 -16.03
N ASP D 135 -23.45 1.58 -15.43
CA ASP D 135 -23.48 2.39 -14.18
C ASP D 135 -22.79 3.73 -14.45
N TYR D 136 -23.57 4.82 -14.38
CA TYR D 136 -23.13 6.22 -14.63
C TYR D 136 -23.10 7.02 -13.32
N SER D 137 -23.11 6.33 -12.17
CA SER D 137 -23.19 6.99 -10.84
C SER D 137 -22.01 7.95 -10.62
N ARG D 138 -20.84 7.69 -11.22
CA ARG D 138 -19.60 8.47 -11.00
C ARG D 138 -19.22 9.29 -12.24
N PHE D 139 -19.84 9.05 -13.40
CA PHE D 139 -19.44 9.73 -14.68
C PHE D 139 -19.34 11.24 -14.43
N GLN D 140 -18.53 11.94 -15.23
CA GLN D 140 -18.28 13.40 -15.07
C GLN D 140 -17.49 13.85 -16.31
N ALA D 141 -18.18 14.46 -17.28
CA ALA D 141 -17.65 14.70 -18.65
C ALA D 141 -16.80 15.97 -18.68
N ASN D 142 -16.76 16.75 -17.58
CA ASN D 142 -15.96 18.01 -17.47
C ASN D 142 -15.56 18.25 -16.02
N PRO D 143 -14.46 17.64 -15.50
CA PRO D 143 -14.02 17.88 -14.13
C PRO D 143 -13.65 19.35 -13.86
N SER D 148 -8.77 17.87 -8.72
CA SER D 148 -7.55 17.59 -7.92
C SER D 148 -7.92 16.89 -6.61
N GLY D 149 -6.96 16.84 -5.65
CA GLY D 149 -7.15 16.34 -4.28
C GLY D 149 -7.42 14.84 -4.25
N ASP D 150 -8.01 14.37 -3.15
CA ASP D 150 -8.45 12.95 -2.96
C ASP D 150 -7.40 12.02 -3.58
N ASP D 151 -6.12 12.39 -3.53
CA ASP D 151 -5.06 11.73 -4.34
C ASP D 151 -5.13 10.23 -4.07
N THR D 152 -4.87 9.85 -2.80
CA THR D 152 -4.91 8.46 -2.30
C THR D 152 -6.22 7.77 -2.73
N GLN D 153 -7.35 8.49 -2.76
CA GLN D 153 -8.68 7.93 -3.13
C GLN D 153 -8.68 7.55 -4.62
N HIS D 154 -8.23 8.46 -5.49
CA HIS D 154 -8.22 8.25 -6.97
C HIS D 154 -7.29 7.08 -7.36
N ILE D 155 -6.16 6.95 -6.67
CA ILE D 155 -5.19 5.84 -6.89
C ILE D 155 -5.80 4.53 -6.38
N GLN D 156 -6.60 4.57 -5.31
CA GLN D 156 -7.31 3.38 -4.77
C GLN D 156 -8.30 2.88 -5.80
N GLN D 157 -9.16 3.77 -6.33
CA GLN D 157 -10.22 3.44 -7.32
C GLN D 157 -9.56 2.79 -8.56
N PHE D 158 -8.36 3.26 -8.93
CA PHE D 158 -7.52 2.63 -9.98
C PHE D 158 -7.25 1.16 -9.63
N TYR D 159 -6.67 0.88 -8.46
CA TYR D 159 -6.34 -0.50 -8.05
C TYR D 159 -7.61 -1.34 -8.01
N ASP D 160 -8.76 -0.77 -7.60
CA ASP D 160 -10.06 -1.48 -7.47
C ASP D 160 -10.52 -1.98 -8.84
N LEU D 161 -10.49 -1.12 -9.87
CA LEU D 161 -10.83 -1.48 -11.27
C LEU D 161 -9.92 -2.62 -11.75
N LEU D 162 -8.65 -2.62 -11.34
CA LEU D 162 -7.68 -3.67 -11.74
C LEU D 162 -8.06 -4.98 -11.06
N THR D 163 -8.22 -4.95 -9.74
CA THR D 163 -8.45 -6.16 -8.93
C THR D 163 -9.82 -6.74 -9.28
N GLY D 164 -10.78 -5.88 -9.61
CA GLY D 164 -12.14 -6.26 -10.06
C GLY D 164 -12.08 -7.09 -11.32
N SER D 165 -11.24 -6.68 -12.28
CA SER D 165 -11.14 -7.31 -13.62
C SER D 165 -10.40 -8.66 -13.55
N MET D 166 -9.68 -8.93 -12.48
CA MET D 166 -8.87 -10.16 -12.34
C MET D 166 -9.80 -11.37 -12.14
N GLU D 167 -10.74 -11.26 -11.21
CA GLU D 167 -11.74 -12.33 -10.96
C GLU D 167 -12.41 -12.70 -12.29
N ILE D 168 -12.91 -11.70 -13.00
CA ILE D 168 -13.77 -11.83 -14.21
C ILE D 168 -12.96 -12.38 -15.38
N ILE D 169 -11.75 -11.86 -15.58
CA ILE D 169 -10.87 -12.27 -16.71
C ILE D 169 -10.37 -13.69 -16.46
N ARG D 170 -10.24 -14.09 -15.20
CA ARG D 170 -9.91 -15.52 -14.90
C ARG D 170 -11.13 -16.38 -15.24
N GLY D 171 -12.31 -15.99 -14.78
CA GLY D 171 -13.60 -16.57 -15.24
C GLY D 171 -13.60 -16.83 -16.73
N TRP D 172 -13.35 -15.79 -17.53
CA TRP D 172 -13.31 -15.88 -19.02
C TRP D 172 -12.40 -17.03 -19.42
N ALA D 173 -11.18 -17.04 -18.89
CA ALA D 173 -10.07 -17.91 -19.31
C ALA D 173 -10.48 -19.37 -19.09
N GLU D 174 -11.03 -19.66 -17.90
CA GLU D 174 -11.44 -21.02 -17.46
C GLU D 174 -12.56 -21.59 -18.35
N LYS D 175 -13.21 -20.75 -19.16
CA LYS D 175 -14.28 -21.17 -20.11
C LYS D 175 -13.70 -21.36 -21.52
N ILE D 176 -12.42 -21.05 -21.74
CA ILE D 176 -11.76 -21.33 -23.04
C ILE D 176 -11.48 -22.82 -23.10
N PRO D 177 -11.97 -23.55 -24.12
CA PRO D 177 -11.72 -24.99 -24.27
C PRO D 177 -10.26 -25.46 -24.13
N GLY D 178 -9.99 -26.21 -23.06
CA GLY D 178 -8.69 -26.85 -22.79
C GLY D 178 -7.96 -26.24 -21.60
N PHE D 179 -8.30 -25.01 -21.23
CA PHE D 179 -7.45 -24.16 -20.34
C PHE D 179 -7.46 -24.74 -18.94
N ALA D 180 -8.61 -25.17 -18.43
CA ALA D 180 -8.78 -25.63 -17.03
C ALA D 180 -8.32 -27.09 -16.92
N ASP D 181 -8.09 -27.74 -18.05
CA ASP D 181 -7.47 -29.10 -18.15
C ASP D 181 -5.95 -28.99 -18.01
N LEU D 182 -5.36 -27.82 -18.24
CA LEU D 182 -3.89 -27.58 -18.11
C LEU D 182 -3.51 -27.74 -16.64
N PRO D 183 -2.21 -28.00 -16.36
CA PRO D 183 -1.68 -27.97 -14.99
C PRO D 183 -1.91 -26.62 -14.29
N LYS D 184 -2.46 -26.64 -13.07
CA LYS D 184 -2.84 -25.40 -12.33
C LYS D 184 -1.66 -24.41 -12.39
N ALA D 185 -0.42 -24.89 -12.34
CA ALA D 185 0.80 -24.06 -12.51
C ALA D 185 0.72 -23.27 -13.82
N ASP D 186 0.50 -23.96 -14.94
CA ASP D 186 0.52 -23.37 -16.31
C ASP D 186 -0.62 -22.36 -16.44
N GLN D 187 -1.78 -22.65 -15.85
CA GLN D 187 -2.94 -21.72 -15.82
C GLN D 187 -2.48 -20.43 -15.19
N ASP D 188 -1.92 -20.49 -13.97
CA ASP D 188 -1.50 -19.30 -13.19
C ASP D 188 -0.48 -18.51 -14.03
N LEU D 189 0.50 -19.17 -14.63
CA LEU D 189 1.55 -18.51 -15.45
C LEU D 189 0.91 -17.79 -16.65
N LEU D 190 0.03 -18.47 -17.39
CA LEU D 190 -0.62 -17.93 -18.64
C LEU D 190 -1.49 -16.73 -18.30
N PHE D 191 -2.20 -16.79 -17.17
CA PHE D 191 -3.08 -15.70 -16.67
C PHE D 191 -2.27 -14.46 -16.28
N GLU D 192 -1.28 -14.59 -15.39
CA GLU D 192 -0.49 -13.45 -14.85
C GLU D 192 0.26 -12.76 -15.98
N SER D 193 0.77 -13.52 -16.96
CA SER D 193 1.53 -12.98 -18.11
C SER D 193 0.63 -12.15 -19.03
N ALA D 194 -0.68 -12.45 -19.11
CA ALA D 194 -1.61 -11.85 -20.09
C ALA D 194 -2.68 -10.94 -19.44
N PHE D 195 -2.77 -10.88 -18.10
CA PHE D 195 -3.89 -10.18 -17.42
C PHE D 195 -3.96 -8.73 -17.90
N LEU D 196 -2.84 -8.03 -17.94
CA LEU D 196 -2.82 -6.59 -18.30
C LEU D 196 -3.11 -6.43 -19.79
N GLU D 197 -2.59 -7.30 -20.65
CA GLU D 197 -2.84 -7.28 -22.13
C GLU D 197 -4.34 -7.46 -22.38
N LEU D 198 -5.05 -8.18 -21.53
CA LEU D 198 -6.50 -8.46 -21.71
C LEU D 198 -7.38 -7.33 -21.14
N PHE D 199 -7.08 -6.81 -19.96
CA PHE D 199 -7.84 -5.72 -19.32
C PHE D 199 -7.91 -4.53 -20.27
N VAL D 200 -6.80 -4.27 -20.98
CA VAL D 200 -6.68 -3.16 -21.98
C VAL D 200 -7.49 -3.55 -23.21
N LEU D 201 -7.15 -4.67 -23.86
CA LEU D 201 -7.77 -5.14 -25.13
C LEU D 201 -9.30 -5.08 -25.02
N ARG D 202 -9.89 -5.64 -23.96
CA ARG D 202 -11.34 -5.64 -23.71
C ARG D 202 -11.80 -4.20 -23.48
N LEU D 203 -11.21 -3.49 -22.52
CA LEU D 203 -11.57 -2.06 -22.26
C LEU D 203 -11.63 -1.30 -23.58
N ALA D 204 -10.70 -1.58 -24.50
CA ALA D 204 -10.51 -0.88 -25.77
C ALA D 204 -11.59 -1.25 -26.77
N TYR D 205 -12.20 -2.44 -26.67
CA TYR D 205 -13.17 -2.97 -27.67
C TYR D 205 -14.60 -2.56 -27.29
N ARG D 206 -14.85 -2.26 -26.01
CA ARG D 206 -16.22 -2.00 -25.47
C ARG D 206 -16.40 -0.51 -25.21
N SER D 207 -15.32 0.27 -25.06
CA SER D 207 -15.42 1.72 -24.73
C SER D 207 -15.92 2.50 -25.96
N ASN D 208 -16.32 3.76 -25.74
CA ASN D 208 -16.55 4.74 -26.84
C ASN D 208 -15.47 5.81 -26.80
N PRO D 209 -14.40 5.68 -27.62
CA PRO D 209 -13.25 6.59 -27.60
C PRO D 209 -13.61 7.96 -28.21
N VAL D 210 -14.46 7.93 -29.24
CA VAL D 210 -14.98 9.12 -29.99
C VAL D 210 -15.53 10.15 -29.00
N GLU D 211 -16.10 9.72 -27.88
CA GLU D 211 -16.69 10.62 -26.83
C GLU D 211 -15.91 10.54 -25.52
N GLY D 212 -14.69 9.98 -25.54
CA GLY D 212 -13.77 9.88 -24.38
C GLY D 212 -14.34 9.01 -23.26
N LYS D 213 -15.24 8.08 -23.59
CA LYS D 213 -16.01 7.29 -22.60
C LYS D 213 -15.40 5.90 -22.46
N LEU D 214 -14.86 5.62 -21.27
CA LEU D 214 -14.28 4.30 -20.91
C LEU D 214 -15.33 3.52 -20.12
N ILE D 215 -15.68 2.32 -20.59
CA ILE D 215 -16.62 1.37 -19.90
C ILE D 215 -15.85 0.14 -19.41
N PHE D 216 -15.83 -0.13 -18.10
CA PHE D 216 -15.07 -1.24 -17.48
C PHE D 216 -15.93 -2.52 -17.40
N CYS D 217 -15.33 -3.63 -16.94
CA CYS D 217 -15.92 -5.00 -16.84
C CYS D 217 -17.16 -4.98 -15.94
N ASN D 218 -17.10 -4.18 -14.88
CA ASN D 218 -18.16 -4.07 -13.85
C ASN D 218 -19.20 -3.02 -14.27
N GLY D 219 -19.17 -2.60 -15.53
CA GLY D 219 -20.19 -1.70 -16.14
C GLY D 219 -20.01 -0.24 -15.74
N VAL D 220 -19.05 0.11 -14.86
CA VAL D 220 -18.75 1.54 -14.53
C VAL D 220 -18.40 2.33 -15.82
N VAL D 221 -18.75 3.61 -15.85
CA VAL D 221 -18.45 4.57 -16.97
C VAL D 221 -17.70 5.78 -16.39
N LEU D 222 -16.53 6.10 -16.94
CA LEU D 222 -15.77 7.34 -16.62
C LEU D 222 -15.29 8.03 -17.89
N HIS D 223 -15.03 9.33 -17.79
CA HIS D 223 -14.41 10.15 -18.86
C HIS D 223 -12.90 10.08 -18.66
N ARG D 224 -12.14 9.97 -19.77
CA ARG D 224 -10.66 9.85 -19.75
C ARG D 224 -10.05 10.80 -18.73
N LEU D 225 -10.64 11.99 -18.54
CA LEU D 225 -10.05 13.05 -17.66
C LEU D 225 -10.21 12.67 -16.19
N GLN D 226 -11.20 11.83 -15.86
CA GLN D 226 -11.35 11.29 -14.48
C GLN D 226 -10.27 10.25 -14.23
N CYS D 227 -10.02 9.40 -15.24
CA CYS D 227 -9.09 8.24 -15.23
C CYS D 227 -7.63 8.70 -15.10
N VAL D 228 -7.26 9.81 -15.75
CA VAL D 228 -5.86 10.34 -15.81
C VAL D 228 -5.25 10.42 -14.40
N ARG D 229 -6.06 10.69 -13.37
CA ARG D 229 -5.53 10.84 -11.99
C ARG D 229 -4.90 9.52 -11.51
N GLY D 230 -5.40 8.37 -11.98
CA GLY D 230 -5.00 7.03 -11.54
C GLY D 230 -4.08 6.33 -12.55
N PHE D 231 -4.50 6.27 -13.82
CA PHE D 231 -3.79 5.62 -14.94
C PHE D 231 -2.51 6.36 -15.34
N GLY D 232 -2.45 7.66 -15.08
CA GLY D 232 -1.43 8.54 -15.67
C GLY D 232 -1.74 8.79 -17.15
N GLU D 233 -0.73 9.21 -17.91
CA GLU D 233 -0.88 9.50 -19.36
C GLU D 233 -1.08 8.18 -20.12
N TRP D 234 -0.83 7.04 -19.47
CA TRP D 234 -1.12 5.70 -20.05
C TRP D 234 -2.50 5.72 -20.68
N ILE D 235 -3.49 6.36 -20.03
CA ILE D 235 -4.91 6.33 -20.50
C ILE D 235 -5.01 6.88 -21.93
N ASP D 236 -4.25 7.95 -22.23
CA ASP D 236 -4.28 8.61 -23.56
C ASP D 236 -3.79 7.59 -24.60
N SER D 237 -2.76 6.82 -24.26
CA SER D 237 -2.23 5.71 -25.08
C SER D 237 -3.31 4.63 -25.24
N ILE D 238 -4.13 4.38 -24.22
CA ILE D 238 -5.21 3.36 -24.27
C ILE D 238 -6.32 3.83 -25.22
N VAL D 239 -6.75 5.10 -25.14
CA VAL D 239 -7.86 5.61 -25.99
C VAL D 239 -7.42 5.60 -27.46
N GLU D 240 -6.14 5.88 -27.73
CA GLU D 240 -5.56 5.86 -29.11
C GLU D 240 -5.68 4.44 -29.69
N PHE D 241 -5.28 3.44 -28.89
CA PHE D 241 -5.37 2.00 -29.27
C PHE D 241 -6.82 1.71 -29.65
N SER D 242 -7.75 2.09 -28.76
CA SER D 242 -9.20 1.85 -28.86
C SER D 242 -9.73 2.42 -30.18
N SER D 243 -9.38 3.67 -30.46
CA SER D 243 -9.62 4.31 -31.77
C SER D 243 -9.22 3.36 -32.92
N ASN D 244 -7.93 3.02 -33.02
CA ASN D 244 -7.36 2.15 -34.09
C ASN D 244 -8.21 0.88 -34.20
N LEU D 245 -8.42 0.20 -33.07
CA LEU D 245 -9.02 -1.16 -33.00
C LEU D 245 -10.44 -1.12 -33.55
N GLN D 246 -11.23 -0.12 -33.13
CA GLN D 246 -12.65 0.06 -33.50
C GLN D 246 -12.75 0.47 -34.97
N ASN D 247 -11.74 1.18 -35.48
CA ASN D 247 -11.70 1.66 -36.89
C ASN D 247 -11.43 0.50 -37.87
N MET D 248 -11.20 -0.73 -37.38
CA MET D 248 -11.09 -1.94 -38.23
C MET D 248 -12.44 -2.68 -38.32
N ASN D 249 -13.45 -2.28 -37.53
CA ASN D 249 -14.78 -2.95 -37.50
C ASN D 249 -14.59 -4.48 -37.41
N ILE D 250 -14.13 -4.97 -36.26
CA ILE D 250 -13.87 -6.40 -35.96
C ILE D 250 -15.14 -7.03 -35.35
N ASP D 251 -15.74 -7.98 -36.09
CA ASP D 251 -16.94 -8.73 -35.66
C ASP D 251 -16.57 -9.58 -34.43
N ILE D 252 -17.54 -9.83 -33.55
CA ILE D 252 -17.34 -10.51 -32.24
C ILE D 252 -16.65 -11.90 -32.39
N SER D 253 -16.93 -12.68 -33.45
CA SER D 253 -16.31 -14.01 -33.64
C SER D 253 -14.78 -13.86 -33.75
N ALA D 254 -14.31 -12.82 -34.43
CA ALA D 254 -12.87 -12.58 -34.65
C ALA D 254 -12.23 -12.00 -33.37
N PHE D 255 -12.87 -11.02 -32.73
CA PHE D 255 -12.36 -10.47 -31.45
C PHE D 255 -12.23 -11.62 -30.46
N SER D 256 -13.26 -12.48 -30.38
CA SER D 256 -13.34 -13.63 -29.45
C SER D 256 -12.07 -14.51 -29.57
N CYS D 257 -11.53 -14.66 -30.79
CA CYS D 257 -10.31 -15.46 -31.10
C CYS D 257 -9.04 -14.68 -30.70
N ILE D 258 -8.96 -13.40 -31.07
CA ILE D 258 -7.80 -12.52 -30.79
C ILE D 258 -7.55 -12.53 -29.28
N ALA D 259 -8.60 -12.38 -28.47
CA ALA D 259 -8.47 -12.33 -27.00
C ALA D 259 -7.89 -13.66 -26.50
N ALA D 260 -8.33 -14.77 -27.09
CA ALA D 260 -7.84 -16.12 -26.76
C ALA D 260 -6.35 -16.23 -27.12
N LEU D 261 -5.96 -15.78 -28.31
CA LEU D 261 -4.55 -15.85 -28.78
C LEU D 261 -3.63 -15.01 -27.87
N ALA D 262 -4.19 -13.98 -27.22
CA ALA D 262 -3.46 -13.09 -26.30
C ALA D 262 -3.04 -13.86 -25.04
N MET D 263 -3.87 -14.81 -24.58
CA MET D 263 -3.73 -15.54 -23.28
C MET D 263 -2.99 -16.87 -23.52
N VAL D 264 -3.55 -17.69 -24.43
CA VAL D 264 -3.03 -19.04 -24.80
C VAL D 264 -1.86 -18.84 -25.76
N THR D 265 -0.66 -18.68 -25.19
CA THR D 265 0.58 -18.33 -25.95
C THR D 265 1.78 -18.97 -25.26
N GLU D 266 2.92 -19.04 -25.94
CA GLU D 266 4.19 -19.59 -25.40
C GLU D 266 4.71 -18.66 -24.29
N ARG D 267 5.12 -19.22 -23.15
CA ARG D 267 5.70 -18.49 -21.99
C ARG D 267 6.71 -19.40 -21.28
N HIS D 268 7.80 -18.82 -20.80
CA HIS D 268 8.93 -19.55 -20.19
C HIS D 268 8.51 -20.07 -18.81
N GLY D 269 8.55 -21.38 -18.58
CA GLY D 269 8.22 -22.00 -17.29
C GLY D 269 7.05 -22.95 -17.38
N LEU D 270 6.37 -22.97 -18.53
CA LEU D 270 5.25 -23.88 -18.79
C LEU D 270 5.74 -25.33 -18.61
N LYS D 271 5.09 -26.09 -17.72
CA LYS D 271 5.30 -27.54 -17.55
C LYS D 271 5.00 -28.28 -18.86
N GLU D 272 3.93 -27.91 -19.59
CA GLU D 272 3.47 -28.65 -20.79
C GLU D 272 3.27 -27.69 -21.97
N PRO D 273 4.38 -27.23 -22.61
CA PRO D 273 4.31 -26.32 -23.74
C PRO D 273 3.54 -26.86 -24.94
N LYS D 274 3.94 -28.02 -25.51
CA LYS D 274 3.34 -28.56 -26.77
C LYS D 274 1.82 -28.46 -26.75
N ARG D 275 1.21 -28.81 -25.61
CA ARG D 275 -0.27 -28.74 -25.42
C ARG D 275 -0.72 -27.30 -25.70
N VAL D 276 -0.10 -26.33 -25.03
CA VAL D 276 -0.39 -24.87 -25.16
C VAL D 276 -0.15 -24.47 -26.62
N GLU D 277 0.93 -24.95 -27.24
CA GLU D 277 1.27 -24.67 -28.67
C GLU D 277 0.15 -25.19 -29.60
N GLU D 278 -0.32 -26.42 -29.38
CA GLU D 278 -1.34 -27.07 -30.25
C GLU D 278 -2.69 -26.37 -30.06
N LEU D 279 -2.95 -25.81 -28.87
CA LEU D 279 -4.22 -25.15 -28.53
C LEU D 279 -4.24 -23.78 -29.22
N GLN D 280 -3.14 -23.04 -29.11
CA GLN D 280 -2.91 -21.76 -29.86
C GLN D 280 -3.21 -22.03 -31.33
N ASN D 281 -2.69 -23.15 -31.85
CA ASN D 281 -2.77 -23.51 -33.27
C ASN D 281 -4.21 -23.75 -33.69
N LYS D 282 -5.02 -24.46 -32.89
CA LYS D 282 -6.49 -24.65 -33.14
C LYS D 282 -7.11 -23.26 -33.32
N ILE D 283 -6.98 -22.39 -32.33
CA ILE D 283 -7.64 -21.04 -32.25
C ILE D 283 -7.30 -20.21 -33.50
N VAL D 284 -6.06 -20.27 -33.98
CA VAL D 284 -5.62 -19.48 -35.17
C VAL D 284 -6.42 -19.96 -36.38
N ASN D 285 -6.40 -21.28 -36.64
CA ASN D 285 -7.07 -21.95 -37.78
C ASN D 285 -8.59 -21.74 -37.67
N CYS D 286 -9.08 -21.64 -36.44
CA CYS D 286 -10.46 -21.23 -36.08
C CYS D 286 -10.76 -19.84 -36.63
N LEU D 287 -9.87 -18.87 -36.39
CA LEU D 287 -9.98 -17.46 -36.85
C LEU D 287 -9.85 -17.38 -38.38
N LYS D 288 -8.99 -18.18 -38.98
CA LYS D 288 -8.77 -18.21 -40.46
C LYS D 288 -10.06 -18.70 -41.15
N ASP D 289 -10.55 -19.87 -40.75
CA ASP D 289 -11.79 -20.51 -41.27
C ASP D 289 -12.93 -19.49 -41.27
N HIS D 290 -13.05 -18.67 -40.22
CA HIS D 290 -14.12 -17.64 -40.11
C HIS D 290 -13.94 -16.54 -41.17
N VAL D 291 -12.74 -15.99 -41.33
CA VAL D 291 -12.47 -14.86 -42.27
C VAL D 291 -12.66 -15.36 -43.72
N THR D 292 -12.20 -16.56 -44.05
CA THR D 292 -12.30 -17.16 -45.42
C THR D 292 -13.75 -17.60 -45.69
N PHE D 293 -14.56 -17.86 -44.66
CA PHE D 293 -15.99 -18.28 -44.82
C PHE D 293 -16.78 -17.05 -45.27
N ASN D 294 -16.66 -15.95 -44.53
CA ASN D 294 -17.33 -14.65 -44.82
C ASN D 294 -16.62 -13.92 -45.96
N ASN D 295 -15.97 -14.65 -46.89
CA ASN D 295 -15.32 -14.11 -48.12
C ASN D 295 -15.49 -15.10 -49.29
N GLY D 296 -16.52 -15.95 -49.19
CA GLY D 296 -16.91 -16.95 -50.21
C GLY D 296 -15.82 -17.95 -50.54
N GLY D 297 -14.89 -18.21 -49.60
CA GLY D 297 -13.93 -19.34 -49.66
C GLY D 297 -12.48 -18.89 -49.73
N LEU D 298 -12.23 -17.68 -50.23
CA LEU D 298 -10.85 -17.14 -50.41
C LEU D 298 -10.36 -16.52 -49.10
N ASN D 299 -9.17 -16.90 -48.65
CA ASN D 299 -8.46 -16.26 -47.51
C ASN D 299 -8.31 -14.76 -47.79
N ARG D 300 -8.39 -13.93 -46.76
CA ARG D 300 -7.94 -12.50 -46.80
C ARG D 300 -6.62 -12.40 -46.04
N PRO D 301 -5.47 -12.72 -46.68
CA PRO D 301 -4.20 -12.86 -45.98
C PRO D 301 -3.69 -11.52 -45.41
N ASN D 302 -4.13 -10.38 -45.97
CA ASN D 302 -3.69 -9.04 -45.49
C ASN D 302 -4.50 -8.66 -44.23
N TYR D 303 -5.82 -8.86 -44.23
CA TYR D 303 -6.70 -8.58 -43.06
C TYR D 303 -6.19 -9.36 -41.86
N LEU D 304 -6.09 -10.68 -42.01
CA LEU D 304 -5.61 -11.65 -41.00
C LEU D 304 -4.27 -11.18 -40.42
N SER D 305 -3.31 -10.80 -41.29
CA SER D 305 -1.98 -10.25 -40.93
C SER D 305 -2.13 -9.04 -40.01
N LYS D 306 -3.00 -8.08 -40.36
CA LYS D 306 -3.11 -6.76 -39.69
C LYS D 306 -3.72 -6.98 -38.30
N LEU D 307 -4.56 -8.01 -38.24
CA LEU D 307 -5.38 -8.41 -37.07
C LEU D 307 -4.47 -9.00 -35.99
N LEU D 308 -3.62 -9.97 -36.38
CA LEU D 308 -2.56 -10.62 -35.55
C LEU D 308 -1.46 -9.60 -35.19
N GLY D 309 -1.33 -8.52 -35.97
CA GLY D 309 -0.38 -7.42 -35.73
C GLY D 309 -0.76 -6.59 -34.53
N LYS D 310 -1.97 -6.81 -33.99
CA LYS D 310 -2.51 -6.09 -32.80
C LYS D 310 -1.94 -6.63 -31.49
N LEU D 311 -1.72 -7.95 -31.38
CA LEU D 311 -1.24 -8.63 -30.15
C LEU D 311 0.12 -8.05 -29.70
N PRO D 312 1.07 -7.79 -30.65
CA PRO D 312 2.31 -7.09 -30.29
C PRO D 312 2.13 -5.61 -29.88
N GLU D 313 1.19 -4.86 -30.48
CA GLU D 313 0.96 -3.44 -30.10
C GLU D 313 0.49 -3.37 -28.64
N LEU D 314 -0.32 -4.36 -28.28
CA LEU D 314 -0.98 -4.49 -26.96
C LEU D 314 0.09 -4.73 -25.90
N ARG D 315 1.04 -5.63 -26.17
CA ARG D 315 2.16 -5.93 -25.25
C ARG D 315 2.94 -4.62 -25.02
N THR D 316 3.16 -3.81 -26.06
CA THR D 316 3.90 -2.51 -25.98
C THR D 316 3.09 -1.53 -25.09
N LEU D 317 1.79 -1.47 -25.32
CA LEU D 317 0.86 -0.66 -24.50
C LEU D 317 1.01 -1.05 -23.03
N CYS D 318 1.07 -2.35 -22.76
CA CYS D 318 1.02 -2.92 -21.39
C CYS D 318 2.31 -2.60 -20.62
N THR D 319 3.48 -2.63 -21.25
CA THR D 319 4.74 -2.19 -20.58
C THR D 319 4.52 -0.77 -20.01
N GLN D 320 3.87 0.11 -20.78
CA GLN D 320 3.50 1.48 -20.31
C GLN D 320 2.71 1.38 -19.01
N GLY D 321 1.81 0.40 -18.93
CA GLY D 321 1.06 0.03 -17.71
C GLY D 321 2.00 -0.30 -16.56
N LEU D 322 2.96 -1.19 -16.77
CA LEU D 322 3.95 -1.63 -15.75
C LEU D 322 4.76 -0.42 -15.26
N GLN D 323 5.21 0.45 -16.17
CA GLN D 323 5.92 1.73 -15.81
C GLN D 323 5.09 2.47 -14.75
N ARG D 324 3.77 2.54 -14.95
CA ARG D 324 2.84 3.25 -14.03
C ARG D 324 2.80 2.57 -12.65
N ILE D 325 2.73 1.25 -12.58
CA ILE D 325 2.62 0.52 -11.28
C ILE D 325 3.94 0.66 -10.53
N PHE D 326 5.09 0.57 -11.21
CA PHE D 326 6.45 0.83 -10.65
C PHE D 326 6.50 2.23 -10.04
N TYR D 327 6.02 3.24 -10.77
CA TYR D 327 5.97 4.64 -10.29
C TYR D 327 5.19 4.68 -8.96
N LEU D 328 4.00 4.08 -8.90
CA LEU D 328 3.09 4.11 -7.72
C LEU D 328 3.73 3.32 -6.56
N LYS D 329 4.47 2.24 -6.86
CA LYS D 329 5.19 1.42 -5.85
C LYS D 329 6.25 2.33 -5.17
N LEU D 330 7.11 2.93 -5.98
CA LEU D 330 8.27 3.78 -5.58
C LEU D 330 7.77 5.09 -4.91
N GLU D 331 6.64 5.65 -5.35
CA GLU D 331 6.01 6.85 -4.73
C GLU D 331 5.63 6.50 -3.29
N ASP D 332 5.23 5.24 -3.04
CA ASP D 332 4.91 4.71 -1.69
C ASP D 332 3.84 5.60 -1.02
N LEU D 333 2.90 6.12 -1.81
CA LEU D 333 1.78 7.01 -1.38
C LEU D 333 0.60 6.16 -0.87
N VAL D 334 0.20 5.15 -1.64
CA VAL D 334 -0.67 4.02 -1.24
C VAL D 334 -0.06 2.82 -1.93
N PRO D 335 0.23 1.72 -1.19
CA PRO D 335 0.95 0.58 -1.74
C PRO D 335 0.00 -0.31 -2.54
N PRO D 336 0.39 -0.78 -3.75
CA PRO D 336 -0.38 -1.77 -4.48
C PRO D 336 -0.77 -2.95 -3.58
N PRO D 337 -2.04 -3.43 -3.57
CA PRO D 337 -2.42 -4.63 -2.82
C PRO D 337 -1.65 -5.87 -3.31
N ALA D 338 -1.39 -6.84 -2.42
CA ALA D 338 -0.48 -7.99 -2.64
C ALA D 338 -0.64 -8.54 -4.07
N ILE D 339 -1.86 -8.88 -4.46
CA ILE D 339 -2.17 -9.56 -5.77
C ILE D 339 -1.64 -8.73 -6.95
N ILE D 340 -1.73 -7.39 -6.91
CA ILE D 340 -1.13 -6.47 -7.92
C ILE D 340 0.39 -6.61 -7.83
N ASP D 341 0.95 -6.34 -6.65
CA ASP D 341 2.42 -6.38 -6.37
C ASP D 341 2.95 -7.70 -6.97
N LYS D 342 2.30 -8.83 -6.67
CA LYS D 342 2.67 -10.19 -7.15
C LYS D 342 2.74 -10.19 -8.68
N LEU D 343 1.72 -9.67 -9.36
CA LEU D 343 1.52 -9.74 -10.84
C LEU D 343 2.49 -8.85 -11.60
N PHE D 344 3.04 -7.84 -10.94
CA PHE D 344 4.00 -6.88 -11.51
C PHE D 344 5.41 -7.49 -11.39
N LEU D 345 5.71 -8.11 -10.26
CA LEU D 345 7.00 -8.78 -9.98
C LEU D 345 7.15 -10.02 -10.87
N ASP D 346 6.02 -10.61 -11.31
CA ASP D 346 6.01 -11.97 -11.94
C ASP D 346 6.04 -11.83 -13.47
N THR D 347 6.02 -10.61 -14.02
CA THR D 347 5.84 -10.34 -15.47
C THR D 347 7.17 -9.93 -16.14
N LEU D 348 8.06 -9.24 -15.42
CA LEU D 348 9.14 -8.37 -15.99
C LEU D 348 10.08 -9.10 -16.97
ZN ZN M . 16.43 62.69 16.30
ZN ZN N . 25.76 49.64 13.38
ZN ZN O . 17.13 -10.71 29.85
ZN ZN P . 4.75 -5.69 20.30
ZN ZN Q . -51.38 -20.42 -46.85
ZN ZN R . -66.37 -25.76 -48.40
ZN ZN S . -52.11 -44.78 -44.98
ZN ZN T . -64.06 -40.38 -55.05
#